data_3QH3
#
_entry.id   3QH3
#
_cell.length_a   91.247
_cell.length_b   51.735
_cell.length_c   96.336
_cell.angle_alpha   90.00
_cell.angle_beta   105.05
_cell.angle_gamma   90.00
#
_symmetry.space_group_name_H-M   'P 1 21 1'
#
loop_
_entity.id
_entity.type
_entity.pdbx_description
1 polymer 'A6 alpha chain'
2 polymer 'A6 beta chain'
3 non-polymer 1,2-ETHANEDIOL
4 non-polymer GLYCEROL
5 water water
#
loop_
_entity_poly.entity_id
_entity_poly.type
_entity_poly.pdbx_seq_one_letter_code
_entity_poly.pdbx_strand_id
1 'polypeptide(L)'
;KEVEQNSGPLSVPEGAIASLNCTYSDRGSQSFFWYRQYSGKSPELIMSIYSNGDKEDGRFTAQLNKASQYVSLLIRDSQP
SDSATYLCAVTTDSWGKLQFGAGTQVVVTPDIQNPDPAVYQLRDSKSSDKSVCLFTDFDSQTNVSQSKDSDVYITDKCVL
DMRSMDFKSNSAVAWSNKSDFACANAFNNSIIPE
;
A,C
2 'polypeptide(L)'
;NAGVTQTPKFQVLKTGQSMTLQCAQDMNHEYMSWYRQDPGMGLRLIHYSVGAGITDQGEVPNGYNVSRSTTEDFPLRLLS
AAPSQTSVYFCASRPGLAGGRPEQYFGPGTRLTVTEDLKNVFPPEVAVFEPSEAEISHTQKATLVCLATGFYPDHVELSW
WVNGKEVHSGVCTDPQPLKEQPALNDSRYALSSRLRVSATFWQDPRNHFRCQVQFYGLSENDEWTQDRAKPVTQIVSAEA
WGRAD
;
B,D
#
loop_
_chem_comp.id
_chem_comp.type
_chem_comp.name
_chem_comp.formula
EDO non-polymer 1,2-ETHANEDIOL 'C2 H6 O2'
GOL non-polymer GLYCEROL 'C3 H8 O3'
#
# COMPACT_ATOMS: atom_id res chain seq x y z
N LYS A 1 -5.67 14.89 -3.48
CA LYS A 1 -5.58 14.14 -2.20
C LYS A 1 -5.36 12.62 -2.36
N GLU A 2 -4.64 12.07 -1.41
CA GLU A 2 -4.17 10.73 -1.48
C GLU A 2 -4.68 10.04 -0.21
N VAL A 3 -5.38 8.93 -0.40
CA VAL A 3 -5.52 7.96 0.63
C VAL A 3 -4.97 6.76 -0.11
N GLU A 4 -4.02 6.09 0.50
CA GLU A 4 -3.28 5.04 -0.17
C GLU A 4 -3.17 3.84 0.76
N GLN A 5 -3.66 2.68 0.30
CA GLN A 5 -3.48 1.38 1.01
C GLN A 5 -2.44 0.48 0.36
N ASN A 6 -1.99 -0.51 1.16
CA ASN A 6 -1.20 -1.67 0.67
CA ASN A 6 -1.15 -1.61 0.65
C ASN A 6 -1.93 -2.39 -0.45
N SER A 7 -1.18 -2.93 -1.40
CA SER A 7 -1.81 -3.72 -2.45
C SER A 7 -1.89 -5.20 -2.00
N GLY A 8 -2.91 -5.89 -2.50
CA GLY A 8 -3.16 -7.28 -2.08
C GLY A 8 -3.21 -8.03 -3.39
N PRO A 9 -3.75 -9.26 -3.37
CA PRO A 9 -4.33 -9.96 -2.19
C PRO A 9 -3.23 -10.35 -1.19
N LEU A 10 -3.56 -10.34 0.10
CA LEU A 10 -2.59 -10.67 1.14
C LEU A 10 -3.00 -12.00 1.70
N SER A 11 -2.05 -12.96 1.76
CA SER A 11 -2.32 -14.29 2.29
C SER A 11 -1.81 -14.32 3.71
N VAL A 12 -2.63 -14.78 4.68
CA VAL A 12 -2.27 -14.79 6.10
C VAL A 12 -2.58 -16.15 6.74
N PRO A 13 -1.61 -16.85 7.30
CA PRO A 13 -1.95 -18.13 8.06
C PRO A 13 -2.93 -17.90 9.25
N GLU A 14 -3.96 -18.71 9.36
CA GLU A 14 -4.82 -18.73 10.52
C GLU A 14 -3.99 -18.61 11.83
N GLY A 15 -4.40 -17.72 12.73
CA GLY A 15 -3.71 -17.59 14.03
C GLY A 15 -2.71 -16.44 14.05
N ALA A 16 -2.27 -15.99 12.88
CA ALA A 16 -1.33 -14.90 12.79
C ALA A 16 -2.06 -13.56 12.67
N ILE A 17 -1.29 -12.49 12.62
CA ILE A 17 -1.87 -11.16 12.56
C ILE A 17 -1.95 -10.76 11.09
N ALA A 18 -3.14 -10.39 10.63
CA ALA A 18 -3.30 -9.79 9.29
C ALA A 18 -3.13 -8.28 9.48
N SER A 19 -2.33 -7.65 8.64
CA SER A 19 -2.21 -6.23 8.84
C SER A 19 -2.32 -5.43 7.57
N LEU A 20 -3.00 -4.30 7.69
CA LEU A 20 -3.20 -3.35 6.61
C LEU A 20 -2.77 -1.99 7.07
N ASN A 21 -2.18 -1.22 6.18
CA ASN A 21 -2.11 0.20 6.47
C ASN A 21 -2.48 1.12 5.35
N CYS A 22 -2.66 2.36 5.75
CA CYS A 22 -3.28 3.35 4.93
C CYS A 22 -2.59 4.68 5.25
N THR A 23 -2.08 5.33 4.23
CA THR A 23 -1.46 6.59 4.42
C THR A 23 -2.40 7.63 3.78
N TYR A 24 -2.37 8.83 4.34
CA TYR A 24 -3.28 9.88 3.92
C TYR A 24 -2.47 11.15 3.76
N SER A 25 -2.79 11.96 2.76
CA SER A 25 -1.94 13.13 2.41
C SER A 25 -2.32 14.41 3.15
N ASP A 26 -3.57 14.52 3.56
CA ASP A 26 -4.03 15.77 4.20
C ASP A 26 -3.90 15.75 5.71
N ARG A 27 -2.89 16.46 6.21
CA ARG A 27 -2.57 16.55 7.64
C ARG A 27 -3.71 17.04 8.56
N GLY A 28 -4.67 17.78 8.01
CA GLY A 28 -5.83 18.21 8.80
C GLY A 28 -6.86 17.13 9.18
N SER A 29 -6.84 15.97 8.48
CA SER A 29 -7.90 14.95 8.56
C SER A 29 -8.24 14.59 9.99
N GLN A 30 -9.53 14.47 10.29
CA GLN A 30 -9.98 14.34 11.68
C GLN A 30 -10.41 12.92 12.04
N SER A 31 -10.95 12.21 11.07
CA SER A 31 -11.58 10.91 11.33
C SER A 31 -11.18 9.83 10.34
N PHE A 32 -10.95 8.62 10.88
CA PHE A 32 -10.33 7.52 10.11
C PHE A 32 -11.12 6.24 10.41
N PHE A 33 -11.35 5.41 9.38
CA PHE A 33 -12.31 4.31 9.44
C PHE A 33 -11.80 3.10 8.66
N TRP A 34 -12.22 1.89 9.09
CA TRP A 34 -11.95 0.68 8.38
C TRP A 34 -13.31 0.06 8.17
N TYR A 35 -13.58 -0.29 6.90
CA TYR A 35 -14.78 -0.94 6.49
C TYR A 35 -14.40 -2.31 6.00
N ARG A 36 -15.23 -3.31 6.29
CA ARG A 36 -14.93 -4.67 5.83
C ARG A 36 -15.96 -5.00 4.77
N GLN A 37 -15.56 -5.59 3.66
CA GLN A 37 -16.52 -5.92 2.63
C GLN A 37 -16.30 -7.38 2.21
N TYR A 38 -17.27 -8.25 2.49
CA TYR A 38 -17.22 -9.61 2.01
C TYR A 38 -17.58 -9.61 0.53
N SER A 39 -17.20 -10.68 -0.16
CA SER A 39 -17.31 -10.66 -1.61
C SER A 39 -18.78 -10.67 -1.94
N GLY A 40 -19.20 -9.78 -2.86
CA GLY A 40 -20.61 -9.61 -3.20
C GLY A 40 -21.45 -8.95 -2.11
N LYS A 41 -20.84 -8.44 -1.05
CA LYS A 41 -21.62 -7.76 0.00
C LYS A 41 -21.27 -6.28 0.05
N SER A 42 -21.86 -5.52 0.98
CA SER A 42 -21.55 -4.13 1.13
C SER A 42 -20.46 -3.88 2.15
N PRO A 43 -19.75 -2.75 2.04
CA PRO A 43 -18.81 -2.34 3.08
C PRO A 43 -19.52 -2.16 4.42
N GLU A 44 -18.92 -2.67 5.49
CA GLU A 44 -19.50 -2.58 6.85
CA GLU A 44 -19.52 -2.49 6.82
C GLU A 44 -18.48 -1.90 7.74
N LEU A 45 -18.82 -0.77 8.35
CA LEU A 45 -17.89 -0.10 9.27
C LEU A 45 -17.47 -1.08 10.40
N ILE A 46 -16.17 -1.28 10.58
CA ILE A 46 -15.70 -2.07 11.74
C ILE A 46 -14.87 -1.30 12.76
N MET A 47 -14.09 -0.31 12.35
CA MET A 47 -13.34 0.47 13.36
C MET A 47 -13.37 1.94 13.02
N SER A 48 -13.52 2.75 14.07
CA SER A 48 -13.41 4.19 13.99
C SER A 48 -12.29 4.64 14.89
N ILE A 49 -11.45 5.55 14.41
CA ILE A 49 -10.44 6.13 15.27
C ILE A 49 -10.31 7.61 15.00
N TYR A 50 -10.08 8.38 16.06
CA TYR A 50 -9.97 9.80 15.95
C TYR A 50 -8.73 10.36 16.63
N SER A 51 -8.23 9.67 17.66
CA SER A 51 -7.00 10.19 18.23
C SER A 51 -5.78 9.30 18.10
N ASN A 52 -4.62 9.96 18.12
CA ASN A 52 -3.33 9.29 18.09
C ASN A 52 -3.26 8.11 19.07
N GLY A 53 -2.68 6.99 18.62
CA GLY A 53 -2.46 5.84 19.47
C GLY A 53 -3.28 4.67 18.98
N ASP A 54 -3.62 3.75 19.89
CA ASP A 54 -4.31 2.48 19.60
C ASP A 54 -5.76 2.47 20.08
N LYS A 55 -6.64 1.83 19.29
CA LYS A 55 -8.00 1.51 19.69
C LYS A 55 -8.29 0.04 19.35
N GLU A 56 -9.06 -0.60 20.21
CA GLU A 56 -9.16 -2.01 20.29
C GLU A 56 -10.63 -2.47 20.30
N ASP A 57 -10.94 -3.50 19.54
CA ASP A 57 -12.30 -4.03 19.53
C ASP A 57 -12.27 -5.50 19.16
N GLY A 58 -12.35 -6.32 20.21
CA GLY A 58 -12.24 -7.74 20.05
C GLY A 58 -10.87 -8.05 19.46
N ARG A 59 -10.87 -8.65 18.27
CA ARG A 59 -9.62 -9.04 17.68
C ARG A 59 -9.02 -7.94 16.81
N PHE A 60 -9.73 -6.82 16.67
CA PHE A 60 -9.30 -5.69 15.84
C PHE A 60 -8.55 -4.69 16.68
N THR A 61 -7.42 -4.24 16.16
CA THR A 61 -6.73 -3.09 16.68
C THR A 61 -6.51 -2.11 15.54
N ALA A 62 -6.90 -0.84 15.75
CA ALA A 62 -6.62 0.28 14.85
C ALA A 62 -5.50 1.08 15.50
N GLN A 63 -4.54 1.55 14.73
CA GLN A 63 -3.59 2.52 15.25
C GLN A 63 -3.50 3.72 14.32
N LEU A 64 -3.58 4.90 14.92
CA LEU A 64 -3.46 6.14 14.20
C LEU A 64 -2.15 6.79 14.59
N ASN A 65 -1.38 7.16 13.58
CA ASN A 65 -0.17 7.93 13.79
C ASN A 65 -0.29 9.24 13.01
N LYS A 66 -0.70 10.31 13.67
CA LYS A 66 -0.87 11.59 13.02
C LYS A 66 0.43 12.23 12.50
N ALA A 67 1.52 12.07 13.24
CA ALA A 67 2.81 12.61 12.82
C ALA A 67 3.25 11.98 11.50
N SER A 68 3.15 10.67 11.38
CA SER A 68 3.53 10.03 10.12
C SER A 68 2.36 9.92 9.10
N GLN A 69 1.18 10.36 9.54
CA GLN A 69 0.00 10.30 8.69
C GLN A 69 -0.31 8.89 8.12
N TYR A 70 -0.46 7.91 9.01
CA TYR A 70 -1.03 6.62 8.63
C TYR A 70 -1.99 6.12 9.71
N VAL A 71 -2.91 5.26 9.28
CA VAL A 71 -3.81 4.49 10.13
C VAL A 71 -3.52 3.02 9.74
N SER A 72 -3.49 2.13 10.72
CA SER A 72 -3.34 0.70 10.50
C SER A 72 -4.55 -0.08 11.01
N LEU A 73 -4.69 -1.31 10.53
CA LEU A 73 -5.62 -2.24 11.12
C LEU A 73 -4.84 -3.54 11.29
N LEU A 74 -4.89 -4.08 12.51
CA LEU A 74 -4.34 -5.39 12.84
C LEU A 74 -5.50 -6.31 13.18
N ILE A 75 -5.48 -7.49 12.57
CA ILE A 75 -6.49 -8.50 12.88
C ILE A 75 -5.76 -9.61 13.60
N ARG A 76 -5.91 -9.64 14.92
CA ARG A 76 -5.21 -10.59 15.74
C ARG A 76 -5.87 -12.01 15.62
N ASP A 77 -5.10 -13.06 15.89
CA ASP A 77 -5.61 -14.46 15.84
C ASP A 77 -6.57 -14.68 14.66
N SER A 78 -6.03 -14.47 13.46
CA SER A 78 -6.82 -14.39 12.23
C SER A 78 -7.57 -15.69 12.02
N GLN A 79 -8.78 -15.53 11.50
CA GLN A 79 -9.70 -16.60 11.21
C GLN A 79 -10.02 -16.61 9.73
N PRO A 80 -10.23 -17.81 9.15
CA PRO A 80 -10.64 -17.76 7.70
C PRO A 80 -11.91 -16.98 7.42
N SER A 81 -12.82 -16.91 8.41
CA SER A 81 -14.05 -16.07 8.29
C SER A 81 -13.74 -14.56 8.20
N ASP A 82 -12.52 -14.16 8.56
CA ASP A 82 -12.02 -12.79 8.30
C ASP A 82 -11.65 -12.48 6.82
N SER A 83 -11.61 -13.51 5.97
CA SER A 83 -11.21 -13.30 4.53
C SER A 83 -12.20 -12.36 3.89
N ALA A 84 -11.74 -11.17 3.50
CA ALA A 84 -12.64 -10.17 2.98
C ALA A 84 -11.80 -9.08 2.32
N THR A 85 -12.45 -8.03 1.82
CA THR A 85 -11.67 -6.85 1.51
C THR A 85 -11.83 -5.70 2.55
N TYR A 86 -10.73 -5.06 2.89
CA TYR A 86 -10.76 -4.05 3.95
C TYR A 86 -10.40 -2.69 3.35
N LEU A 87 -11.17 -1.67 3.70
CA LEU A 87 -11.13 -0.42 2.99
C LEU A 87 -10.87 0.65 4.04
N CYS A 88 -9.81 1.43 3.79
CA CYS A 88 -9.45 2.61 4.53
C CYS A 88 -10.39 3.75 4.07
N ALA A 89 -10.85 4.61 5.00
CA ALA A 89 -11.55 5.83 4.65
C ALA A 89 -11.21 6.92 5.64
N VAL A 90 -11.14 8.15 5.12
CA VAL A 90 -10.61 9.27 5.81
C VAL A 90 -11.57 10.43 5.49
N THR A 91 -11.82 11.23 6.50
CA THR A 91 -12.76 12.28 6.34
C THR A 91 -12.03 13.54 5.81
N THR A 92 -12.68 14.22 4.85
CA THR A 92 -12.03 15.24 4.02
C THR A 92 -12.79 16.57 4.02
N ASP A 93 -13.87 16.62 4.81
CA ASP A 93 -14.73 17.79 4.96
C ASP A 93 -15.00 18.13 6.41
N SER A 94 -15.37 19.39 6.64
CA SER A 94 -16.06 19.75 7.87
C SER A 94 -17.58 19.57 7.66
N TRP A 95 -17.94 18.45 7.05
CA TRP A 95 -19.30 17.90 7.02
C TRP A 95 -19.15 16.41 7.26
N GLY A 96 -18.05 15.87 6.75
CA GLY A 96 -17.72 14.44 6.84
C GLY A 96 -17.57 13.72 5.50
N LYS A 97 -17.29 14.44 4.42
CA LYS A 97 -17.00 13.76 3.15
C LYS A 97 -15.86 12.74 3.30
N LEU A 98 -16.17 11.52 2.87
CA LEU A 98 -15.33 10.38 3.00
C LEU A 98 -14.56 10.10 1.73
N GLN A 99 -13.26 9.91 1.84
CA GLN A 99 -12.49 9.39 0.73
C GLN A 99 -11.93 8.04 1.10
N PHE A 100 -12.13 7.11 0.19
CA PHE A 100 -11.80 5.72 0.37
C PHE A 100 -10.50 5.43 -0.32
N GLY A 101 -9.74 4.49 0.28
CA GLY A 101 -8.66 3.85 -0.40
C GLY A 101 -9.17 2.79 -1.37
N ALA A 102 -8.24 2.10 -2.01
CA ALA A 102 -8.59 1.15 -3.06
C ALA A 102 -8.96 -0.22 -2.49
N GLY A 103 -8.75 -0.43 -1.20
CA GLY A 103 -9.09 -1.69 -0.55
C GLY A 103 -7.97 -2.70 -0.68
N THR A 104 -7.87 -3.62 0.27
CA THR A 104 -6.90 -4.75 0.21
C THR A 104 -7.63 -6.04 0.51
N GLN A 105 -7.57 -7.01 -0.41
CA GLN A 105 -8.11 -8.31 -0.17
C GLN A 105 -7.20 -9.09 0.79
N VAL A 106 -7.78 -9.53 1.91
CA VAL A 106 -7.10 -10.41 2.83
C VAL A 106 -7.63 -11.84 2.65
N VAL A 107 -6.73 -12.81 2.51
CA VAL A 107 -7.06 -14.23 2.46
C VAL A 107 -6.45 -14.90 3.75
N VAL A 108 -7.30 -15.32 4.71
CA VAL A 108 -6.79 -16.09 5.85
C VAL A 108 -6.93 -17.58 5.54
N THR A 109 -5.80 -18.25 5.39
CA THR A 109 -5.82 -19.60 4.94
C THR A 109 -5.95 -20.49 6.18
N PRO A 110 -6.77 -21.53 6.07
CA PRO A 110 -7.00 -22.41 7.21
C PRO A 110 -5.77 -23.26 7.55
N ASP A 111 -5.63 -23.57 8.84
CA ASP A 111 -4.64 -24.53 9.24
C ASP A 111 -5.18 -25.96 9.09
N ILE A 112 -4.77 -26.66 8.04
CA ILE A 112 -5.23 -28.03 7.80
C ILE A 112 -4.49 -29.03 8.69
N GLN A 113 -5.18 -29.58 9.69
CA GLN A 113 -4.56 -30.41 10.74
C GLN A 113 -4.12 -31.76 10.19
N ASN A 114 -4.99 -32.41 9.44
CA ASN A 114 -4.75 -33.72 8.89
C ASN A 114 -4.89 -33.69 7.37
N PRO A 115 -3.87 -33.20 6.67
CA PRO A 115 -3.86 -33.17 5.21
C PRO A 115 -4.03 -34.55 4.62
N ASP A 116 -4.93 -34.66 3.63
CA ASP A 116 -5.15 -35.91 2.89
C ASP A 116 -5.35 -35.61 1.42
N PRO A 117 -4.40 -34.90 0.78
CA PRO A 117 -4.66 -34.43 -0.57
C PRO A 117 -5.04 -35.57 -1.53
N ALA A 118 -6.15 -35.40 -2.22
CA ALA A 118 -6.60 -36.40 -3.17
C ALA A 118 -7.39 -35.72 -4.28
N VAL A 119 -7.44 -36.38 -5.41
CA VAL A 119 -8.26 -35.97 -6.57
C VAL A 119 -9.36 -37.01 -6.83
N TYR A 120 -10.62 -36.58 -6.94
CA TYR A 120 -11.78 -37.46 -7.11
C TYR A 120 -12.58 -37.14 -8.36
N GLN A 121 -13.07 -38.17 -9.04
CA GLN A 121 -13.97 -38.01 -10.18
C GLN A 121 -15.41 -38.02 -9.65
N LEU A 122 -16.19 -37.00 -10.04
CA LEU A 122 -17.60 -36.89 -9.64
C LEU A 122 -18.49 -37.12 -10.84
N ARG A 123 -19.58 -37.88 -10.69
CA ARG A 123 -20.47 -38.02 -11.84
C ARG A 123 -21.74 -37.16 -11.81
N ASP A 124 -22.22 -36.78 -13.00
CA ASP A 124 -23.52 -36.11 -13.11
C ASP A 124 -24.65 -36.97 -12.56
N SER A 125 -25.50 -36.35 -11.72
CA SER A 125 -26.65 -37.04 -11.10
C SER A 125 -27.65 -37.61 -12.12
N LYS A 126 -27.86 -36.93 -13.23
CA LYS A 126 -28.75 -37.47 -14.24
C LYS A 126 -28.21 -37.43 -15.67
N SER A 127 -27.28 -36.51 -15.95
CA SER A 127 -27.07 -36.03 -17.34
C SER A 127 -26.24 -36.90 -18.29
N SER A 128 -26.24 -38.22 -18.11
CA SER A 128 -25.54 -39.18 -19.02
C SER A 128 -24.02 -38.97 -19.11
N ASP A 129 -23.32 -39.51 -18.12
CA ASP A 129 -21.86 -39.40 -18.00
C ASP A 129 -21.23 -38.02 -18.32
N LYS A 130 -21.48 -37.02 -17.47
CA LYS A 130 -20.76 -35.75 -17.52
C LYS A 130 -19.72 -35.73 -16.41
N SER A 131 -18.59 -35.07 -16.69
CA SER A 131 -17.37 -35.27 -15.92
C SER A 131 -16.84 -34.00 -15.27
N VAL A 132 -16.66 -34.10 -13.96
CA VAL A 132 -16.09 -33.06 -13.11
C VAL A 132 -15.06 -33.75 -12.23
N CYS A 133 -13.93 -33.07 -11.96
CA CYS A 133 -12.87 -33.53 -11.03
C CYS A 133 -12.66 -32.61 -9.81
N LEU A 134 -12.48 -33.20 -8.66
CA LEU A 134 -12.33 -32.44 -7.45
C LEU A 134 -10.96 -32.71 -6.80
N PHE A 135 -10.15 -31.68 -6.65
CA PHE A 135 -8.90 -31.77 -5.85
C PHE A 135 -9.30 -31.26 -4.45
N THR A 136 -9.11 -32.09 -3.43
CA THR A 136 -9.54 -31.68 -2.13
C THR A 136 -8.61 -32.18 -1.05
N ASP A 137 -8.67 -31.53 0.12
CA ASP A 137 -7.99 -31.94 1.35
C ASP A 137 -6.51 -31.73 1.39
N PHE A 138 -6.01 -30.83 0.56
CA PHE A 138 -4.61 -30.50 0.57
C PHE A 138 -4.34 -29.35 1.57
N ASP A 139 -3.10 -29.24 2.03
CA ASP A 139 -2.64 -28.12 2.90
C ASP A 139 -2.69 -26.75 2.21
N SER A 140 -2.56 -25.70 3.02
CA SER A 140 -2.85 -24.36 2.55
C SER A 140 -1.63 -23.75 1.87
N GLN A 141 -0.50 -24.46 1.98
CA GLN A 141 0.74 -24.10 1.29
C GLN A 141 0.69 -24.56 -0.15
N THR A 142 -0.31 -25.35 -0.48
CA THR A 142 -0.40 -25.94 -1.81
C THR A 142 -0.95 -24.96 -2.83
N ASN A 143 -0.17 -24.78 -3.91
CA ASN A 143 -0.54 -23.98 -5.07
C ASN A 143 -1.35 -24.77 -6.10
N VAL A 144 -2.43 -24.17 -6.60
CA VAL A 144 -3.22 -24.84 -7.64
C VAL A 144 -2.97 -24.17 -8.98
N SER A 145 -2.43 -24.91 -9.93
CA SER A 145 -2.18 -24.33 -11.25
C SER A 145 -3.25 -24.61 -12.29
N GLN A 146 -3.68 -23.51 -12.92
CA GLN A 146 -4.32 -23.50 -14.24
C GLN A 146 -3.50 -24.25 -15.25
N SER A 147 -3.82 -25.52 -15.48
CA SER A 147 -3.18 -26.33 -16.56
C SER A 147 -3.61 -25.77 -17.92
N LYS A 148 -2.88 -24.73 -18.36
CA LYS A 148 -3.26 -23.90 -19.51
C LYS A 148 -3.48 -24.66 -20.82
N ASP A 149 -4.69 -25.21 -20.89
CA ASP A 149 -5.28 -25.86 -22.05
C ASP A 149 -6.46 -24.94 -22.46
N SER A 150 -6.86 -24.99 -23.73
CA SER A 150 -7.95 -24.15 -24.24
C SER A 150 -9.27 -24.42 -23.50
N ASP A 151 -9.67 -25.69 -23.44
CA ASP A 151 -10.94 -26.06 -22.83
C ASP A 151 -10.84 -27.00 -21.62
N VAL A 152 -9.77 -26.85 -20.84
CA VAL A 152 -9.77 -27.42 -19.48
C VAL A 152 -9.91 -26.31 -18.46
N TYR A 153 -11.00 -26.35 -17.69
CA TYR A 153 -11.34 -25.28 -16.75
C TYR A 153 -10.93 -25.63 -15.33
N ILE A 154 -10.29 -24.70 -14.63
CA ILE A 154 -9.83 -24.93 -13.25
C ILE A 154 -10.02 -23.69 -12.36
N THR A 155 -10.79 -23.86 -11.31
CA THR A 155 -11.10 -22.78 -10.37
C THR A 155 -9.91 -22.54 -9.41
N ASP A 156 -9.86 -21.35 -8.83
CA ASP A 156 -8.96 -21.09 -7.70
C ASP A 156 -9.37 -22.02 -6.54
N LYS A 157 -8.50 -22.21 -5.58
CA LYS A 157 -8.91 -22.96 -4.42
C LYS A 157 -10.00 -22.21 -3.64
N CYS A 158 -10.94 -22.94 -3.04
CA CYS A 158 -11.82 -22.33 -2.04
C CYS A 158 -12.00 -23.16 -0.76
N VAL A 159 -12.33 -22.45 0.32
CA VAL A 159 -12.26 -23.03 1.68
C VAL A 159 -13.69 -23.22 2.13
N LEU A 160 -14.05 -24.46 2.44
CA LEU A 160 -15.34 -24.71 3.05
C LEU A 160 -15.14 -25.12 4.51
N ASP A 161 -16.13 -24.77 5.31
CA ASP A 161 -16.02 -24.94 6.78
C ASP A 161 -17.23 -25.77 7.27
N MET A 162 -17.04 -27.04 7.60
CA MET A 162 -18.13 -27.80 8.22
C MET A 162 -18.16 -27.56 9.72
N ARG A 163 -18.98 -26.60 10.13
CA ARG A 163 -19.19 -26.24 11.56
C ARG A 163 -19.55 -27.42 12.45
N SER A 164 -20.33 -28.38 11.96
CA SER A 164 -20.81 -29.45 12.81
C SER A 164 -19.70 -30.46 13.14
N MET A 165 -18.55 -30.31 12.51
CA MET A 165 -17.41 -31.18 12.78
C MET A 165 -16.14 -30.38 13.11
N ASP A 166 -16.23 -29.06 13.20
CA ASP A 166 -15.02 -28.22 13.28
C ASP A 166 -13.95 -28.69 12.26
N PHE A 167 -14.33 -28.73 11.00
CA PHE A 167 -13.46 -29.21 9.94
C PHE A 167 -13.46 -28.27 8.72
N LYS A 168 -12.30 -27.73 8.36
CA LYS A 168 -12.21 -26.95 7.11
C LYS A 168 -11.50 -27.75 6.03
N SER A 169 -11.83 -27.51 4.75
CA SER A 169 -11.06 -28.13 3.66
C SER A 169 -10.89 -27.21 2.49
N ASN A 170 -9.74 -27.32 1.86
CA ASN A 170 -9.49 -26.58 0.62
C ASN A 170 -9.94 -27.45 -0.49
N SER A 171 -10.47 -26.84 -1.55
CA SER A 171 -10.71 -27.60 -2.78
C SER A 171 -10.64 -26.75 -4.04
N ALA A 172 -10.47 -27.45 -5.16
CA ALA A 172 -10.46 -26.78 -6.46
C ALA A 172 -11.14 -27.73 -7.44
N VAL A 173 -11.85 -27.14 -8.41
CA VAL A 173 -12.70 -27.93 -9.30
C VAL A 173 -12.18 -27.79 -10.71
N ALA A 174 -12.15 -28.89 -11.44
CA ALA A 174 -11.80 -28.85 -12.87
C ALA A 174 -12.76 -29.68 -13.72
N TRP A 175 -12.96 -29.24 -14.95
CA TRP A 175 -13.84 -29.94 -15.88
C TRP A 175 -13.47 -29.62 -17.31
N SER A 176 -13.99 -30.45 -18.22
CA SER A 176 -13.90 -30.29 -19.65
C SER A 176 -14.96 -31.11 -20.35
N ASN A 177 -15.48 -30.57 -21.44
CA ASN A 177 -16.37 -31.30 -22.35
C ASN A 177 -15.58 -32.33 -23.15
N LYS A 178 -15.49 -33.53 -22.58
CA LYS A 178 -15.03 -34.76 -23.25
C LYS A 178 -13.83 -34.66 -24.22
N SER A 179 -12.96 -33.68 -24.01
CA SER A 179 -11.75 -33.59 -24.87
C SER A 179 -10.55 -34.39 -24.28
N ASP A 180 -10.31 -35.60 -24.82
CA ASP A 180 -9.34 -36.59 -24.26
C ASP A 180 -9.04 -36.43 -22.73
N PHE A 181 -10.10 -36.27 -21.92
CA PHE A 181 -10.01 -35.72 -20.54
C PHE A 181 -10.39 -36.70 -19.44
N ALA A 182 -9.45 -36.89 -18.50
CA ALA A 182 -9.67 -37.73 -17.33
C ALA A 182 -9.07 -36.99 -16.15
N CYS A 183 -9.41 -37.41 -14.93
CA CYS A 183 -8.96 -36.68 -13.75
C CYS A 183 -7.44 -36.72 -13.48
N ALA A 184 -6.76 -37.76 -13.99
CA ALA A 184 -5.31 -37.85 -13.89
C ALA A 184 -4.58 -36.61 -14.42
N ASN A 185 -5.02 -36.10 -15.57
CA ASN A 185 -4.36 -34.96 -16.25
C ASN A 185 -4.63 -33.65 -15.55
N ALA A 186 -5.88 -33.51 -15.13
CA ALA A 186 -6.47 -32.23 -14.78
C ALA A 186 -5.58 -31.30 -13.97
N PHE A 187 -4.95 -31.80 -12.90
CA PHE A 187 -4.33 -30.88 -11.92
C PHE A 187 -2.81 -30.81 -11.92
N ASN A 188 -2.17 -31.96 -12.12
CA ASN A 188 -0.71 -32.10 -12.11
C ASN A 188 0.16 -30.84 -12.24
N ASN A 189 -0.28 -29.87 -13.04
CA ASN A 189 0.44 -28.59 -13.23
C ASN A 189 0.73 -27.80 -11.93
N SER A 190 -0.14 -27.96 -10.92
CA SER A 190 0.01 -27.34 -9.57
C SER A 190 1.34 -27.77 -8.90
N ILE A 191 2.27 -26.83 -8.74
CA ILE A 191 3.74 -27.13 -8.73
C ILE A 191 4.31 -28.05 -7.59
N ILE A 192 4.50 -29.34 -7.93
CA ILE A 192 5.24 -30.38 -7.13
C ILE A 192 4.50 -30.91 -5.84
N PRO A 193 3.73 -32.03 -5.96
CA PRO A 193 2.85 -32.55 -4.86
C PRO A 193 3.55 -33.34 -3.70
N GLU A 194 2.81 -34.25 -3.04
CA GLU A 194 3.36 -35.44 -2.35
C GLU A 194 2.28 -36.45 -1.94
N ASN B 1 -37.70 -0.72 9.50
CA ASN B 1 -37.41 -2.18 9.38
C ASN B 1 -36.72 -2.54 8.04
N ALA B 2 -36.29 -1.50 7.31
CA ALA B 2 -35.74 -1.67 5.96
C ALA B 2 -34.29 -1.21 5.82
N GLY B 3 -33.99 0.00 6.33
CA GLY B 3 -32.66 0.61 6.19
C GLY B 3 -32.46 1.18 4.77
N VAL B 4 -31.22 1.11 4.28
CA VAL B 4 -30.93 1.48 2.90
C VAL B 4 -31.26 0.32 1.93
N THR B 5 -32.17 0.58 1.00
CA THR B 5 -32.56 -0.38 -0.04
C THR B 5 -32.24 0.15 -1.45
N GLN B 6 -31.76 -0.70 -2.35
CA GLN B 6 -31.52 -0.26 -3.74
C GLN B 6 -32.27 -1.17 -4.71
N THR B 7 -32.82 -0.59 -5.76
CA THR B 7 -33.62 -1.34 -6.70
C THR B 7 -33.10 -0.80 -8.01
N PRO B 8 -32.83 -1.67 -9.00
CA PRO B 8 -32.77 -3.13 -8.92
C PRO B 8 -31.41 -3.61 -8.34
N LYS B 9 -31.32 -4.86 -7.89
CA LYS B 9 -30.05 -5.42 -7.44
C LYS B 9 -29.05 -5.63 -8.58
N PHE B 10 -29.57 -5.91 -9.76
CA PHE B 10 -28.79 -6.25 -10.97
C PHE B 10 -29.45 -5.66 -12.22
N GLN B 11 -28.67 -5.26 -13.23
CA GLN B 11 -29.28 -4.79 -14.50
C GLN B 11 -28.31 -4.97 -15.64
N VAL B 12 -28.78 -5.53 -16.75
CA VAL B 12 -28.10 -5.32 -18.03
C VAL B 12 -28.70 -4.15 -18.81
N LEU B 13 -27.86 -3.41 -19.50
CA LEU B 13 -28.27 -2.31 -20.37
C LEU B 13 -27.52 -2.46 -21.66
N LYS B 14 -28.14 -2.19 -22.80
CA LYS B 14 -27.38 -2.05 -24.03
C LYS B 14 -26.80 -0.64 -24.03
N THR B 15 -25.61 -0.47 -24.58
CA THR B 15 -24.99 0.86 -24.69
C THR B 15 -25.97 1.89 -25.29
N GLY B 16 -26.14 3.01 -24.58
CA GLY B 16 -27.03 4.08 -25.01
C GLY B 16 -28.41 4.16 -24.38
N GLN B 17 -28.77 3.15 -23.58
CA GLN B 17 -30.04 3.16 -22.87
C GLN B 17 -29.91 3.94 -21.59
N SER B 18 -30.98 4.59 -21.18
CA SER B 18 -30.98 5.27 -19.92
C SER B 18 -31.49 4.31 -18.84
N MET B 19 -31.15 4.60 -17.60
CA MET B 19 -31.71 3.85 -16.48
C MET B 19 -31.67 4.64 -15.20
N THR B 20 -32.57 4.29 -14.30
CA THR B 20 -32.59 4.96 -13.02
C THR B 20 -32.37 3.95 -11.88
N LEU B 21 -31.37 4.20 -11.03
CA LEU B 21 -31.10 3.32 -9.87
C LEU B 21 -31.81 3.94 -8.68
N GLN B 22 -32.75 3.21 -8.09
CA GLN B 22 -33.49 3.73 -6.93
C GLN B 22 -32.68 3.54 -5.65
N CYS B 23 -32.82 4.48 -4.72
CA CYS B 23 -32.20 4.38 -3.42
C CYS B 23 -33.15 4.95 -2.39
N ALA B 24 -33.48 4.16 -1.38
CA ALA B 24 -34.46 4.51 -0.37
C ALA B 24 -33.93 4.22 1.04
N GLN B 25 -34.30 5.11 1.93
CA GLN B 25 -33.62 5.25 3.18
C GLN B 25 -34.70 5.53 4.17
N ASP B 26 -34.86 4.53 5.03
CA ASP B 26 -35.90 4.41 6.00
C ASP B 26 -35.75 5.29 7.23
N MET B 27 -34.51 5.67 7.51
CA MET B 27 -34.12 5.99 8.89
C MET B 27 -34.14 7.50 9.11
N ASN B 28 -34.66 8.22 8.12
CA ASN B 28 -34.73 9.69 8.12
C ASN B 28 -33.39 10.39 8.14
N HIS B 29 -32.41 9.76 7.52
CA HIS B 29 -31.05 10.29 7.45
C HIS B 29 -30.98 11.52 6.53
N GLU B 30 -30.22 12.56 6.90
CA GLU B 30 -30.21 13.80 6.10
C GLU B 30 -29.29 13.71 4.89
N TYR B 31 -28.15 13.04 5.08
CA TYR B 31 -27.08 12.91 4.10
C TYR B 31 -27.12 11.59 3.31
N MET B 32 -27.14 11.67 1.98
CA MET B 32 -27.10 10.47 1.16
C MET B 32 -26.05 10.65 0.10
N SER B 33 -25.38 9.56 -0.26
CA SER B 33 -24.32 9.56 -1.29
C SER B 33 -24.50 8.43 -2.25
N TRP B 34 -23.94 8.56 -3.45
CA TRP B 34 -23.86 7.46 -4.37
C TRP B 34 -22.37 7.28 -4.69
N TYR B 35 -21.90 6.04 -4.72
CA TYR B 35 -20.52 5.67 -5.06
C TYR B 35 -20.52 4.61 -6.20
N ARG B 36 -19.45 4.56 -6.99
CA ARG B 36 -19.17 3.35 -7.75
C ARG B 36 -17.95 2.68 -7.25
N GLN B 37 -17.90 1.38 -7.45
CA GLN B 37 -16.75 0.60 -7.05
C GLN B 37 -16.40 -0.30 -8.19
N ASP B 38 -15.15 -0.22 -8.58
CA ASP B 38 -14.64 -0.95 -9.72
C ASP B 38 -13.50 -1.84 -9.32
N PRO B 39 -13.41 -3.03 -9.95
CA PRO B 39 -12.41 -4.03 -9.51
C PRO B 39 -11.02 -3.53 -9.79
N GLY B 40 -10.63 -2.43 -9.13
CA GLY B 40 -9.30 -1.84 -9.25
C GLY B 40 -9.12 -0.61 -8.38
N MET B 41 -10.19 0.13 -8.12
CA MET B 41 -10.00 1.44 -7.52
C MET B 41 -10.74 1.77 -6.23
N GLY B 42 -11.32 0.78 -5.56
CA GLY B 42 -12.17 1.07 -4.40
C GLY B 42 -13.38 1.95 -4.73
N LEU B 43 -13.91 2.63 -3.71
CA LEU B 43 -15.14 3.41 -3.80
C LEU B 43 -14.91 4.85 -4.21
N ARG B 44 -15.65 5.32 -5.20
CA ARG B 44 -15.48 6.69 -5.68
C ARG B 44 -16.82 7.40 -5.60
N LEU B 45 -16.86 8.51 -4.86
CA LEU B 45 -18.07 9.33 -4.74
C LEU B 45 -18.52 9.88 -6.11
N ILE B 46 -19.80 9.76 -6.44
CA ILE B 46 -20.35 10.26 -7.74
C ILE B 46 -21.07 11.61 -7.52
N HIS B 47 -22.13 11.57 -6.71
CA HIS B 47 -22.89 12.72 -6.22
C HIS B 47 -23.25 12.50 -4.77
N TYR B 48 -23.58 13.57 -4.04
CA TYR B 48 -24.08 13.47 -2.65
C TYR B 48 -25.16 14.53 -2.41
N SER B 49 -25.86 14.39 -1.29
CA SER B 49 -26.95 15.29 -0.99
C SER B 49 -27.04 15.46 0.52
N VAL B 50 -26.89 16.71 0.97
CA VAL B 50 -26.99 17.05 2.40
C VAL B 50 -28.42 17.21 2.93
N GLY B 51 -29.40 17.21 2.03
CA GLY B 51 -30.76 17.50 2.42
C GLY B 51 -31.63 17.51 1.18
N ALA B 52 -32.93 17.36 1.43
CA ALA B 52 -33.95 17.45 0.40
C ALA B 52 -33.92 18.82 -0.29
N GLY B 53 -33.81 18.81 -1.62
CA GLY B 53 -33.75 20.01 -2.40
C GLY B 53 -32.33 20.39 -2.79
N ILE B 54 -31.35 19.62 -2.33
CA ILE B 54 -29.94 19.96 -2.46
C ILE B 54 -29.11 18.76 -2.97
N THR B 55 -28.43 18.93 -4.11
CA THR B 55 -27.44 17.92 -4.54
C THR B 55 -26.14 18.62 -4.92
N ASP B 56 -25.02 17.89 -4.84
CA ASP B 56 -23.69 18.39 -5.18
C ASP B 56 -22.90 17.26 -5.82
N GLN B 57 -21.87 17.60 -6.58
CA GLN B 57 -21.04 16.69 -7.32
C GLN B 57 -19.96 16.04 -6.44
N GLY B 58 -19.77 14.73 -6.62
CA GLY B 58 -18.63 14.02 -6.02
C GLY B 58 -17.40 14.18 -6.91
N GLU B 59 -16.47 13.22 -6.88
CA GLU B 59 -15.28 13.31 -7.75
C GLU B 59 -15.44 12.72 -9.16
N VAL B 60 -16.45 11.84 -9.35
CA VAL B 60 -16.79 11.39 -10.71
C VAL B 60 -18.26 11.60 -11.08
N PRO B 61 -18.70 12.86 -11.14
CA PRO B 61 -20.11 13.19 -11.44
C PRO B 61 -20.50 12.89 -12.89
N ASN B 62 -19.53 12.90 -13.80
CA ASN B 62 -19.76 12.87 -15.25
C ASN B 62 -20.51 11.63 -15.73
N GLY B 63 -21.59 11.87 -16.46
CA GLY B 63 -22.40 10.81 -17.06
C GLY B 63 -23.54 10.41 -16.14
N TYR B 64 -23.61 11.08 -14.98
CA TYR B 64 -24.65 10.75 -13.98
C TYR B 64 -25.40 12.01 -13.54
N ASN B 65 -26.70 11.89 -13.34
CA ASN B 65 -27.50 12.94 -12.70
C ASN B 65 -28.14 12.36 -11.44
N VAL B 66 -28.56 13.25 -10.57
CA VAL B 66 -29.06 12.84 -9.30
C VAL B 66 -30.22 13.77 -8.93
N SER B 67 -31.10 13.33 -8.03
CA SER B 67 -32.18 14.21 -7.57
C SER B 67 -32.51 13.87 -6.12
N ARG B 68 -32.97 14.85 -5.37
CA ARG B 68 -33.31 14.65 -3.98
C ARG B 68 -34.47 15.57 -3.73
N SER B 69 -35.65 15.17 -4.20
CA SER B 69 -36.87 15.96 -3.91
C SER B 69 -37.42 15.59 -2.53
N THR B 70 -37.19 14.35 -2.09
CA THR B 70 -37.51 13.97 -0.71
C THR B 70 -36.33 13.44 0.13
N THR B 71 -36.56 13.41 1.45
CA THR B 71 -35.54 12.97 2.38
C THR B 71 -35.31 11.46 2.25
N GLU B 72 -36.33 10.70 1.87
CA GLU B 72 -36.21 9.24 1.78
C GLU B 72 -35.49 8.71 0.55
N ASP B 73 -35.53 9.44 -0.56
CA ASP B 73 -35.23 8.91 -1.88
C ASP B 73 -34.16 9.71 -2.55
N PHE B 74 -33.18 9.01 -3.14
CA PHE B 74 -32.04 9.63 -3.80
C PHE B 74 -31.72 8.86 -5.06
N PRO B 75 -32.55 9.00 -6.11
CA PRO B 75 -32.36 8.15 -7.29
C PRO B 75 -31.17 8.59 -8.11
N LEU B 76 -30.45 7.63 -8.69
CA LEU B 76 -29.28 7.92 -9.53
C LEU B 76 -29.65 7.63 -10.98
N ARG B 77 -29.28 8.55 -11.85
CA ARG B 77 -29.71 8.38 -13.21
C ARG B 77 -28.55 8.41 -14.19
N LEU B 78 -28.59 7.44 -15.09
CA LEU B 78 -27.62 7.29 -16.16
C LEU B 78 -28.32 7.64 -17.44
N LEU B 79 -28.16 8.87 -17.92
CA LEU B 79 -28.75 9.35 -19.20
C LEU B 79 -28.57 8.50 -20.46
N SER B 80 -27.37 7.93 -20.62
CA SER B 80 -26.99 7.18 -21.82
C SER B 80 -25.81 6.29 -21.48
N ALA B 81 -26.12 5.03 -21.22
CA ALA B 81 -25.15 4.04 -20.77
C ALA B 81 -23.95 3.90 -21.70
N ALA B 82 -22.77 3.97 -21.09
CA ALA B 82 -21.51 3.66 -21.78
C ALA B 82 -20.89 2.47 -21.07
N PRO B 83 -20.13 1.63 -21.81
CA PRO B 83 -19.56 0.43 -21.20
C PRO B 83 -18.77 0.67 -19.91
N SER B 84 -18.14 1.85 -19.80
CA SER B 84 -17.30 2.13 -18.64
C SER B 84 -18.14 2.45 -17.41
N GLN B 85 -19.48 2.48 -17.59
CA GLN B 85 -20.40 2.60 -16.47
C GLN B 85 -20.77 1.23 -15.89
N THR B 86 -20.23 0.16 -16.49
CA THR B 86 -20.23 -1.17 -15.90
C THR B 86 -19.51 -1.17 -14.56
N SER B 87 -20.23 -1.47 -13.50
CA SER B 87 -19.67 -1.28 -12.17
C SER B 87 -20.63 -1.78 -11.14
N VAL B 88 -20.29 -1.63 -9.86
CA VAL B 88 -21.26 -1.83 -8.77
C VAL B 88 -21.44 -0.47 -8.13
N TYR B 89 -22.70 -0.06 -7.98
CA TYR B 89 -23.07 1.23 -7.43
C TYR B 89 -23.61 1.04 -6.04
N PHE B 90 -23.07 1.81 -5.10
CA PHE B 90 -23.56 1.78 -3.75
C PHE B 90 -24.19 3.11 -3.36
N CYS B 91 -25.34 2.99 -2.73
CA CYS B 91 -25.95 4.16 -2.12
C CYS B 91 -25.63 4.05 -0.61
N ALA B 92 -25.29 5.18 0.02
CA ALA B 92 -25.00 5.24 1.45
C ALA B 92 -25.67 6.44 2.17
N SER B 93 -25.96 6.29 3.43
CA SER B 93 -26.59 7.36 4.15
C SER B 93 -26.01 7.52 5.55
N ARG B 94 -26.24 8.71 6.12
CA ARG B 94 -25.89 9.01 7.51
C ARG B 94 -26.73 10.14 8.07
N PRO B 95 -27.00 10.14 9.39
CA PRO B 95 -27.90 11.14 10.01
C PRO B 95 -27.72 12.59 9.51
N GLY B 96 -26.46 12.97 9.23
CA GLY B 96 -26.14 14.20 8.47
C GLY B 96 -25.84 15.46 9.27
N LEU B 97 -25.15 15.32 10.40
CA LEU B 97 -24.67 16.45 11.25
C LEU B 97 -25.69 17.24 12.07
N ALA B 98 -26.98 16.97 11.86
CA ALA B 98 -28.02 17.32 12.83
C ALA B 98 -28.24 16.11 13.73
N GLY B 99 -27.99 14.92 13.18
CA GLY B 99 -28.02 13.65 13.92
C GLY B 99 -26.67 13.07 14.38
N GLY B 100 -25.60 13.87 14.26
CA GLY B 100 -24.31 13.63 14.95
C GLY B 100 -23.22 12.73 14.38
N ARG B 101 -23.48 11.42 14.37
CA ARG B 101 -22.46 10.41 14.05
C ARG B 101 -21.97 10.39 12.60
N PRO B 102 -20.65 10.15 12.40
CA PRO B 102 -19.98 9.99 11.08
C PRO B 102 -20.05 8.62 10.35
N GLU B 103 -20.55 7.57 11.02
CA GLU B 103 -20.77 6.25 10.38
C GLU B 103 -21.66 6.31 9.12
N GLN B 104 -21.13 5.82 8.01
CA GLN B 104 -21.93 5.75 6.79
C GLN B 104 -22.53 4.34 6.66
N TYR B 105 -23.86 4.26 6.49
CA TYR B 105 -24.58 3.01 6.24
C TYR B 105 -24.79 2.78 4.74
N PHE B 106 -24.37 1.61 4.24
CA PHE B 106 -24.37 1.28 2.79
C PHE B 106 -25.54 0.38 2.38
N GLY B 107 -26.14 0.65 1.22
CA GLY B 107 -27.13 -0.24 0.63
C GLY B 107 -26.47 -1.50 0.11
N PRO B 108 -27.26 -2.45 -0.43
CA PRO B 108 -26.54 -3.69 -0.74
C PRO B 108 -25.89 -3.66 -2.11
N GLY B 109 -26.01 -2.56 -2.82
CA GLY B 109 -25.38 -2.50 -4.12
C GLY B 109 -26.26 -2.96 -5.28
N THR B 110 -25.94 -2.43 -6.45
CA THR B 110 -26.61 -2.68 -7.69
C THR B 110 -25.52 -2.96 -8.72
N ARG B 111 -25.54 -4.19 -9.23
CA ARG B 111 -24.58 -4.54 -10.25
C ARG B 111 -25.12 -4.26 -11.65
N LEU B 112 -24.31 -3.55 -12.42
CA LEU B 112 -24.72 -3.05 -13.73
C LEU B 112 -23.73 -3.51 -14.77
N THR B 113 -24.18 -4.21 -15.80
CA THR B 113 -23.34 -4.53 -16.92
C THR B 113 -23.87 -3.88 -18.21
N VAL B 114 -23.03 -3.06 -18.87
CA VAL B 114 -23.41 -2.39 -20.12
C VAL B 114 -22.80 -3.15 -21.26
N THR B 115 -23.61 -3.65 -22.20
CA THR B 115 -23.08 -4.38 -23.34
C THR B 115 -23.45 -3.78 -24.72
N GLU B 116 -22.68 -4.09 -25.78
CA GLU B 116 -22.98 -3.55 -27.12
C GLU B 116 -24.28 -4.15 -27.65
N ASP B 117 -24.54 -5.41 -27.32
CA ASP B 117 -25.58 -6.18 -28.02
C ASP B 117 -26.27 -7.12 -27.05
N LEU B 118 -27.59 -6.97 -26.91
CA LEU B 118 -28.36 -7.79 -25.95
C LEU B 118 -28.48 -9.25 -26.38
N LYS B 119 -28.11 -9.55 -27.63
CA LYS B 119 -27.93 -10.95 -28.07
C LYS B 119 -26.82 -11.68 -27.29
N ASN B 120 -26.12 -10.94 -26.43
CA ASN B 120 -25.03 -11.50 -25.64
C ASN B 120 -25.53 -12.20 -24.37
N VAL B 121 -26.79 -11.94 -24.01
CA VAL B 121 -27.38 -12.45 -22.76
C VAL B 121 -27.80 -13.94 -22.87
N PHE B 122 -27.40 -14.76 -21.88
CA PHE B 122 -27.60 -16.20 -21.89
C PHE B 122 -27.84 -16.62 -20.42
N PRO B 123 -28.92 -17.37 -20.15
CA PRO B 123 -29.10 -17.89 -18.80
C PRO B 123 -28.09 -19.04 -18.56
N PRO B 124 -27.88 -19.42 -17.28
CA PRO B 124 -26.98 -20.54 -16.99
C PRO B 124 -27.61 -21.90 -17.23
N GLU B 125 -26.78 -22.86 -17.62
CA GLU B 125 -27.12 -24.26 -17.51
C GLU B 125 -26.60 -24.63 -16.12
N VAL B 126 -27.27 -25.55 -15.43
CA VAL B 126 -26.92 -25.84 -14.08
C VAL B 126 -26.98 -27.33 -13.85
N ALA B 127 -25.91 -27.88 -13.27
CA ALA B 127 -25.82 -29.30 -13.05
C ALA B 127 -25.22 -29.56 -11.71
N VAL B 128 -25.63 -30.68 -11.10
CA VAL B 128 -25.09 -31.18 -9.86
C VAL B 128 -24.36 -32.49 -10.12
N PHE B 129 -23.17 -32.65 -9.56
CA PHE B 129 -22.40 -33.88 -9.68
C PHE B 129 -22.34 -34.55 -8.28
N GLU B 130 -22.72 -35.82 -8.19
CA GLU B 130 -22.81 -36.58 -6.91
C GLU B 130 -21.43 -36.99 -6.44
N PRO B 131 -21.26 -37.15 -5.12
CA PRO B 131 -19.99 -37.44 -4.49
C PRO B 131 -19.35 -38.73 -4.97
N SER B 132 -18.02 -38.70 -5.10
CA SER B 132 -17.22 -39.93 -5.33
C SER B 132 -17.34 -40.94 -4.17
N GLU B 133 -17.47 -42.20 -4.53
CA GLU B 133 -17.50 -43.27 -3.53
C GLU B 133 -16.08 -43.50 -2.95
N ALA B 134 -15.05 -43.06 -3.68
CA ALA B 134 -13.69 -43.08 -3.11
C ALA B 134 -13.53 -42.04 -1.99
N GLU B 135 -14.04 -40.83 -2.21
CA GLU B 135 -14.02 -39.81 -1.14
C GLU B 135 -14.76 -40.39 0.07
N ILE B 136 -15.99 -40.83 -0.15
CA ILE B 136 -16.78 -41.42 0.92
C ILE B 136 -15.96 -42.43 1.72
N SER B 137 -15.28 -43.37 1.06
CA SER B 137 -14.65 -44.41 1.83
C SER B 137 -13.28 -44.05 2.49
N HIS B 138 -12.56 -43.07 1.93
CA HIS B 138 -11.32 -42.63 2.58
C HIS B 138 -11.51 -41.54 3.63
N THR B 139 -12.59 -40.76 3.52
CA THR B 139 -12.74 -39.54 4.34
C THR B 139 -13.93 -39.51 5.26
N GLN B 140 -14.92 -40.38 5.01
CA GLN B 140 -16.24 -40.40 5.70
C GLN B 140 -17.02 -39.08 5.52
N LYS B 141 -16.71 -38.40 4.43
CA LYS B 141 -17.40 -37.16 4.04
C LYS B 141 -17.73 -37.27 2.57
N ALA B 142 -18.51 -36.32 2.05
CA ALA B 142 -19.15 -36.43 0.73
C ALA B 142 -19.38 -35.05 0.15
N THR B 143 -18.62 -34.73 -0.90
CA THR B 143 -18.74 -33.45 -1.56
C THR B 143 -19.57 -33.51 -2.83
N LEU B 144 -20.66 -32.75 -2.89
CA LEU B 144 -21.42 -32.52 -4.14
C LEU B 144 -20.85 -31.27 -4.82
N VAL B 145 -20.76 -31.30 -6.14
CA VAL B 145 -20.46 -30.04 -6.84
C VAL B 145 -21.60 -29.53 -7.70
N CYS B 146 -21.80 -28.23 -7.66
CA CYS B 146 -22.71 -27.55 -8.56
C CYS B 146 -21.92 -26.78 -9.64
N LEU B 147 -22.28 -26.98 -10.90
CA LEU B 147 -21.70 -26.25 -12.01
C LEU B 147 -22.77 -25.45 -12.70
N ALA B 148 -22.61 -24.12 -12.76
CA ALA B 148 -23.45 -23.24 -13.60
C ALA B 148 -22.56 -22.71 -14.73
N THR B 149 -22.98 -22.91 -15.99
CA THR B 149 -22.16 -22.61 -17.16
C THR B 149 -22.88 -21.77 -18.24
N GLY B 150 -22.08 -21.06 -19.05
CA GLY B 150 -22.56 -20.32 -20.24
C GLY B 150 -23.50 -19.15 -19.99
N PHE B 151 -23.37 -18.49 -18.85
CA PHE B 151 -24.19 -17.32 -18.61
C PHE B 151 -23.48 -15.99 -18.86
N TYR B 152 -24.28 -15.00 -19.25
CA TYR B 152 -23.85 -13.61 -19.48
C TYR B 152 -25.10 -12.73 -19.25
N PRO B 153 -25.00 -11.64 -18.44
CA PRO B 153 -23.83 -11.13 -17.75
C PRO B 153 -23.64 -11.94 -16.48
N ASP B 154 -22.62 -11.61 -15.70
CA ASP B 154 -22.32 -12.43 -14.55
C ASP B 154 -23.11 -11.91 -13.35
N HIS B 155 -24.43 -12.04 -13.48
CA HIS B 155 -25.38 -11.60 -12.50
C HIS B 155 -26.14 -12.84 -12.11
N VAL B 156 -25.58 -13.59 -11.15
CA VAL B 156 -26.20 -14.79 -10.59
C VAL B 156 -26.06 -14.79 -9.06
N GLU B 157 -26.94 -15.56 -8.42
CA GLU B 157 -26.85 -15.90 -6.99
C GLU B 157 -27.11 -17.42 -6.83
N LEU B 158 -26.11 -18.14 -6.32
CA LEU B 158 -26.15 -19.59 -6.26
C LEU B 158 -26.38 -19.93 -4.83
N SER B 159 -27.36 -20.79 -4.57
CA SER B 159 -27.67 -21.16 -3.22
C SER B 159 -27.77 -22.71 -3.15
N TRP B 160 -27.52 -23.28 -1.99
CA TRP B 160 -27.65 -24.75 -1.76
C TRP B 160 -28.75 -24.99 -0.76
N TRP B 161 -29.60 -25.95 -1.04
CA TRP B 161 -30.79 -26.21 -0.21
C TRP B 161 -30.82 -27.66 0.21
N VAL B 162 -30.86 -27.94 1.52
CA VAL B 162 -30.99 -29.33 1.97
C VAL B 162 -32.24 -29.62 2.70
N ASN B 163 -33.00 -30.59 2.19
CA ASN B 163 -34.38 -30.87 2.71
C ASN B 163 -35.21 -29.61 2.79
N GLY B 164 -35.05 -28.74 1.79
CA GLY B 164 -35.95 -27.60 1.66
C GLY B 164 -35.50 -26.33 2.36
N LYS B 165 -34.27 -26.32 2.93
CA LYS B 165 -33.78 -25.20 3.73
C LYS B 165 -32.40 -24.80 3.25
N GLU B 166 -32.19 -23.49 3.17
CA GLU B 166 -30.96 -23.00 2.62
C GLU B 166 -29.85 -23.30 3.64
N VAL B 167 -28.74 -23.85 3.21
CA VAL B 167 -27.62 -24.08 4.09
C VAL B 167 -26.44 -23.17 3.71
N HIS B 168 -25.57 -22.91 4.69
CA HIS B 168 -24.36 -22.14 4.48
C HIS B 168 -23.15 -22.88 5.04
N SER B 169 -23.35 -23.74 6.03
CA SER B 169 -22.24 -24.50 6.60
C SER B 169 -21.83 -25.63 5.67
N GLY B 170 -20.55 -25.93 5.49
CA GLY B 170 -20.21 -26.95 4.50
C GLY B 170 -20.20 -26.54 3.01
N VAL B 171 -20.29 -25.25 2.73
CA VAL B 171 -20.43 -24.70 1.38
C VAL B 171 -19.26 -23.73 1.05
N CYS B 172 -18.72 -23.84 -0.17
CA CYS B 172 -18.16 -22.67 -0.85
C CYS B 172 -18.36 -22.60 -2.33
N THR B 173 -18.62 -21.36 -2.74
CA THR B 173 -18.88 -20.95 -4.07
C THR B 173 -17.69 -20.10 -4.52
N ASP B 174 -17.19 -20.33 -5.74
CA ASP B 174 -16.14 -19.43 -6.29
C ASP B 174 -16.51 -17.96 -6.10
N PRO B 175 -15.61 -17.15 -5.57
CA PRO B 175 -15.95 -15.72 -5.41
C PRO B 175 -16.00 -15.09 -6.79
N GLN B 176 -15.16 -15.60 -7.68
CA GLN B 176 -15.12 -15.11 -9.08
C GLN B 176 -15.49 -16.15 -10.15
N PRO B 177 -16.35 -15.74 -11.09
CA PRO B 177 -16.59 -16.62 -12.27
C PRO B 177 -15.40 -16.74 -13.20
N LEU B 178 -15.29 -17.90 -13.82
CA LEU B 178 -14.32 -18.16 -14.87
C LEU B 178 -14.93 -17.61 -16.16
N LYS B 179 -14.13 -16.94 -16.99
CA LYS B 179 -14.60 -16.59 -18.32
C LYS B 179 -14.36 -17.78 -19.21
N GLU B 180 -15.41 -18.33 -19.80
CA GLU B 180 -15.26 -19.37 -20.84
C GLU B 180 -14.30 -19.00 -21.98
N GLN B 181 -14.35 -17.74 -22.43
CA GLN B 181 -13.43 -17.28 -23.47
C GLN B 181 -12.71 -16.03 -22.94
N PRO B 182 -11.53 -16.20 -22.31
CA PRO B 182 -10.83 -15.11 -21.62
C PRO B 182 -10.51 -13.90 -22.50
N ALA B 183 -10.09 -14.15 -23.74
CA ALA B 183 -9.70 -13.05 -24.61
C ALA B 183 -10.88 -12.31 -25.26
N LEU B 184 -12.12 -12.68 -24.89
CA LEU B 184 -13.34 -12.10 -25.51
C LEU B 184 -14.12 -11.24 -24.53
N ASN B 185 -14.67 -10.13 -25.02
CA ASN B 185 -15.13 -9.05 -24.13
C ASN B 185 -16.51 -9.28 -23.47
N ASP B 186 -17.38 -9.93 -24.23
CA ASP B 186 -18.71 -10.25 -23.75
C ASP B 186 -18.76 -11.77 -23.58
N SER B 187 -17.65 -12.33 -23.14
CA SER B 187 -17.52 -13.76 -22.90
C SER B 187 -18.55 -14.22 -21.89
N ARG B 188 -19.10 -15.41 -22.14
CA ARG B 188 -19.96 -16.08 -21.16
C ARG B 188 -19.11 -16.56 -19.94
N TYR B 189 -19.78 -16.94 -18.84
CA TYR B 189 -19.13 -17.23 -17.56
C TYR B 189 -19.49 -18.63 -17.07
N ALA B 190 -18.60 -19.26 -16.32
CA ALA B 190 -18.86 -20.49 -15.56
C ALA B 190 -18.65 -20.22 -14.06
N LEU B 191 -19.53 -20.74 -13.21
CA LEU B 191 -19.32 -20.76 -11.74
C LEU B 191 -19.38 -22.18 -11.12
N SER B 192 -18.52 -22.48 -10.14
CA SER B 192 -18.66 -23.75 -9.41
C SER B 192 -18.95 -23.54 -7.91
N SER B 193 -19.70 -24.49 -7.33
CA SER B 193 -19.85 -24.53 -5.89
C SER B 193 -19.71 -25.94 -5.35
N ARG B 194 -19.32 -26.06 -4.07
CA ARG B 194 -19.26 -27.37 -3.39
C ARG B 194 -20.11 -27.33 -2.12
N LEU B 195 -20.71 -28.47 -1.78
CA LEU B 195 -21.36 -28.69 -0.52
C LEU B 195 -20.80 -30.00 -0.01
N ARG B 196 -20.28 -29.99 1.21
CA ARG B 196 -19.75 -31.21 1.79
C ARG B 196 -20.56 -31.56 3.04
N VAL B 197 -21.04 -32.80 3.09
CA VAL B 197 -21.79 -33.35 4.20
C VAL B 197 -21.09 -34.67 4.67
N SER B 198 -21.51 -35.24 5.79
CA SER B 198 -20.92 -36.52 6.22
C SER B 198 -21.41 -37.58 5.24
N ALA B 199 -20.62 -38.65 5.13
CA ALA B 199 -20.98 -39.80 4.33
C ALA B 199 -22.35 -40.32 4.74
N THR B 200 -22.56 -40.37 6.05
CA THR B 200 -23.82 -40.89 6.62
C THR B 200 -25.04 -40.07 6.21
N PHE B 201 -24.85 -38.75 6.09
CA PHE B 201 -25.98 -37.91 5.70
C PHE B 201 -26.27 -38.13 4.19
N TRP B 202 -25.24 -38.22 3.37
CA TRP B 202 -25.42 -38.47 1.94
C TRP B 202 -25.96 -39.89 1.64
N GLN B 203 -25.70 -40.83 2.53
CA GLN B 203 -26.17 -42.18 2.29
C GLN B 203 -27.63 -42.39 2.70
N ASP B 204 -28.29 -41.39 3.29
CA ASP B 204 -29.72 -41.48 3.63
C ASP B 204 -30.53 -41.14 2.36
N PRO B 205 -31.30 -42.10 1.80
CA PRO B 205 -31.94 -41.77 0.53
C PRO B 205 -33.12 -40.79 0.62
N ARG B 206 -33.57 -40.45 1.82
CA ARG B 206 -34.64 -39.45 1.95
C ARG B 206 -34.11 -38.01 2.10
N ASN B 207 -32.81 -37.81 1.95
CA ASN B 207 -32.23 -36.48 2.00
C ASN B 207 -32.14 -35.91 0.60
N HIS B 208 -32.60 -34.67 0.46
CA HIS B 208 -32.68 -33.94 -0.80
C HIS B 208 -31.70 -32.76 -0.88
N PHE B 209 -31.02 -32.66 -2.01
CA PHE B 209 -29.97 -31.65 -2.14
C PHE B 209 -30.32 -30.92 -3.42
N ARG B 210 -30.37 -29.59 -3.37
CA ARG B 210 -30.65 -28.80 -4.57
C ARG B 210 -29.70 -27.58 -4.65
N CYS B 211 -29.10 -27.44 -5.82
CA CYS B 211 -28.30 -26.26 -6.12
C CYS B 211 -29.25 -25.36 -6.92
N GLN B 212 -29.36 -24.08 -6.57
CA GLN B 212 -30.28 -23.19 -7.20
C GLN B 212 -29.49 -21.96 -7.66
N VAL B 213 -29.65 -21.60 -8.95
CA VAL B 213 -29.03 -20.35 -9.46
C VAL B 213 -30.06 -19.35 -10.01
N GLN B 214 -30.25 -18.24 -9.29
CA GLN B 214 -31.09 -17.12 -9.70
C GLN B 214 -30.27 -16.31 -10.66
N PHE B 215 -30.69 -16.27 -11.93
CA PHE B 215 -30.07 -15.42 -12.97
C PHE B 215 -30.91 -14.13 -13.18
N TYR B 216 -30.26 -12.99 -13.39
CA TYR B 216 -30.96 -11.74 -13.69
C TYR B 216 -30.62 -11.35 -15.12
N GLY B 217 -31.66 -11.16 -15.93
CA GLY B 217 -31.48 -11.02 -17.37
C GLY B 217 -32.40 -9.98 -17.97
N LEU B 218 -33.14 -10.38 -19.02
CA LEU B 218 -34.09 -9.47 -19.67
C LEU B 218 -35.44 -9.57 -18.96
N SER B 219 -36.19 -8.48 -19.00
CA SER B 219 -37.36 -8.38 -18.13
C SER B 219 -38.57 -7.67 -18.74
N GLU B 220 -38.80 -6.46 -18.25
CA GLU B 220 -39.97 -5.59 -18.51
C GLU B 220 -40.25 -5.35 -20.01
N ASN B 221 -40.46 -6.47 -20.73
CA ASN B 221 -40.69 -6.47 -22.19
C ASN B 221 -39.57 -5.71 -22.95
N ASP B 222 -38.36 -6.30 -22.94
CA ASP B 222 -37.31 -5.97 -23.92
C ASP B 222 -37.77 -6.70 -25.18
N GLU B 223 -37.39 -6.21 -26.35
CA GLU B 223 -37.70 -6.98 -27.56
C GLU B 223 -36.75 -8.18 -27.73
N TRP B 224 -37.29 -9.26 -28.30
CA TRP B 224 -36.51 -10.47 -28.57
C TRP B 224 -36.86 -11.12 -29.90
N THR B 225 -36.02 -10.90 -30.89
CA THR B 225 -36.34 -11.34 -32.25
C THR B 225 -35.70 -12.68 -32.64
N GLN B 226 -35.16 -13.41 -31.65
CA GLN B 226 -34.31 -14.59 -31.89
C GLN B 226 -34.99 -15.96 -31.76
N ASP B 227 -34.26 -16.97 -32.21
CA ASP B 227 -34.70 -18.36 -32.20
C ASP B 227 -34.83 -18.90 -30.77
N ARG B 228 -33.73 -18.89 -29.99
CA ARG B 228 -33.74 -19.35 -28.60
C ARG B 228 -34.70 -18.56 -27.71
N ALA B 229 -35.09 -19.17 -26.59
CA ALA B 229 -36.00 -18.55 -25.63
C ALA B 229 -35.39 -17.26 -25.03
N LYS B 230 -36.21 -16.22 -24.87
CA LYS B 230 -35.79 -14.98 -24.26
C LYS B 230 -35.01 -15.27 -22.98
N PRO B 231 -33.78 -14.73 -22.84
CA PRO B 231 -33.01 -14.97 -21.62
C PRO B 231 -33.48 -13.99 -20.53
N VAL B 232 -34.60 -14.35 -19.92
CA VAL B 232 -35.19 -13.59 -18.84
C VAL B 232 -34.57 -13.93 -17.48
N THR B 233 -34.82 -13.06 -16.51
CA THR B 233 -34.53 -13.27 -15.10
C THR B 233 -35.29 -14.50 -14.66
N GLN B 234 -34.59 -15.47 -14.12
CA GLN B 234 -35.17 -16.76 -13.80
C GLN B 234 -34.26 -17.49 -12.84
N ILE B 235 -34.81 -18.50 -12.19
CA ILE B 235 -34.05 -19.49 -11.44
C ILE B 235 -33.87 -20.74 -12.26
N VAL B 236 -32.63 -21.25 -12.32
CA VAL B 236 -32.29 -22.53 -12.96
C VAL B 236 -31.70 -23.43 -11.83
N SER B 237 -32.17 -24.65 -11.66
CA SER B 237 -31.68 -25.44 -10.53
C SER B 237 -31.37 -26.86 -10.97
N ALA B 238 -30.60 -27.60 -10.17
CA ALA B 238 -30.47 -29.08 -10.37
C ALA B 238 -30.49 -29.71 -8.99
N GLU B 239 -30.81 -31.00 -8.90
CA GLU B 239 -30.93 -31.64 -7.59
C GLU B 239 -30.54 -33.10 -7.58
N ALA B 240 -30.37 -33.68 -6.42
CA ALA B 240 -30.11 -35.13 -6.34
C ALA B 240 -30.64 -35.56 -5.00
N TRP B 241 -30.92 -36.87 -4.84
CA TRP B 241 -31.23 -37.50 -3.57
C TRP B 241 -29.98 -38.24 -3.05
N GLY B 242 -29.87 -38.32 -1.73
CA GLY B 242 -28.97 -39.24 -1.07
C GLY B 242 -29.05 -40.63 -1.72
N ARG B 243 -28.03 -41.45 -1.48
CA ARG B 243 -27.87 -42.74 -2.14
C ARG B 243 -27.27 -43.69 -1.10
N ALA B 244 -28.00 -44.75 -0.74
CA ALA B 244 -27.50 -45.76 0.23
C ALA B 244 -26.20 -46.41 -0.30
N ASP B 245 -25.95 -46.12 -1.58
CA ASP B 245 -24.67 -46.22 -2.33
C ASP B 245 -24.59 -47.40 -3.28
N LYS C 1 27.40 37.89 4.49
CA LYS C 1 28.00 38.05 3.12
C LYS C 1 28.23 36.69 2.51
N GLU C 2 28.95 35.84 3.26
CA GLU C 2 29.47 34.54 2.85
C GLU C 2 30.03 33.85 4.09
N VAL C 3 29.52 32.65 4.34
CA VAL C 3 29.85 31.84 5.49
C VAL C 3 30.57 30.59 5.00
N GLU C 4 31.70 30.27 5.62
CA GLU C 4 32.51 29.19 5.11
C GLU C 4 32.74 28.12 6.15
N GLN C 5 32.63 26.89 5.72
CA GLN C 5 32.78 25.82 6.65
C GLN C 5 33.88 24.83 6.37
N ASN C 6 34.43 24.34 7.46
CA ASN C 6 35.19 23.09 7.52
CA ASN C 6 35.18 23.10 7.52
C ASN C 6 34.82 22.18 6.32
N SER C 7 35.81 21.69 5.57
CA SER C 7 35.48 20.88 4.37
C SER C 7 34.66 19.57 4.59
N GLY C 8 35.25 18.51 5.14
CA GLY C 8 34.46 17.25 5.30
C GLY C 8 34.09 16.43 4.05
N PRO C 9 33.55 15.20 4.21
CA PRO C 9 33.16 14.49 5.42
C PRO C 9 34.30 14.36 6.45
N LEU C 10 33.94 14.46 7.72
CA LEU C 10 34.84 14.27 8.83
C LEU C 10 34.51 12.90 9.37
N SER C 11 35.49 11.98 9.25
CA SER C 11 35.33 10.66 9.85
C SER C 11 35.83 10.79 11.29
N VAL C 12 35.02 10.35 12.25
CA VAL C 12 35.35 10.51 13.67
C VAL C 12 35.15 9.13 14.30
N PRO C 13 36.17 8.53 14.95
CA PRO C 13 35.91 7.25 15.58
C PRO C 13 34.96 7.44 16.74
N GLU C 14 34.00 6.55 16.89
CA GLU C 14 33.13 6.57 18.08
C GLU C 14 33.93 6.83 19.39
N GLY C 15 33.47 7.78 20.20
CA GLY C 15 34.17 8.15 21.46
C GLY C 15 35.09 9.40 21.44
N ALA C 16 35.42 9.90 20.24
CA ALA C 16 36.37 10.99 20.07
C ALA C 16 35.62 12.31 19.87
N ILE C 17 36.37 13.39 19.65
CA ILE C 17 35.75 14.68 19.38
C ILE C 17 35.65 14.99 17.88
N ALA C 18 34.42 15.26 17.43
CA ALA C 18 34.15 15.86 16.15
C ALA C 18 34.36 17.39 16.26
N SER C 19 35.18 17.95 15.37
CA SER C 19 35.67 19.34 15.49
C SER C 19 35.32 20.17 14.24
N LEU C 20 34.27 20.99 14.38
CA LEU C 20 33.81 21.79 13.28
C LEU C 20 34.10 23.28 13.48
N ASN C 21 34.38 23.97 12.38
CA ASN C 21 34.54 25.39 12.45
C ASN C 21 33.85 26.09 11.29
N CYS C 22 33.91 27.41 11.32
CA CYS C 22 33.09 28.25 10.52
C CYS C 22 33.65 29.67 10.71
N THR C 23 33.94 30.35 9.59
CA THR C 23 34.28 31.77 9.57
C THR C 23 33.29 32.58 8.73
N TYR C 24 33.13 33.86 9.07
CA TYR C 24 32.19 34.70 8.36
C TYR C 24 32.83 36.01 7.85
N SER C 25 32.28 36.55 6.77
CA SER C 25 32.91 37.71 6.10
C SER C 25 32.52 39.07 6.64
N ASP C 26 31.41 39.12 7.39
CA ASP C 26 30.91 40.39 7.93
C ASP C 26 31.11 40.64 9.42
N ARG C 27 32.10 41.50 9.71
CA ARG C 27 32.29 42.12 11.02
C ARG C 27 30.97 42.79 11.47
N GLY C 28 30.69 42.71 12.77
CA GLY C 28 29.39 43.15 13.27
C GLY C 28 28.24 42.22 12.87
N SER C 29 28.51 40.90 12.76
CA SER C 29 27.47 39.92 12.99
C SER C 29 27.37 39.89 14.53
N GLN C 30 26.17 39.41 15.01
CA GLN C 30 25.81 39.54 16.43
C GLN C 30 25.37 38.20 17.06
N SER C 31 24.74 37.35 16.26
CA SER C 31 24.23 36.06 16.74
C SER C 31 24.76 34.93 15.85
N PHE C 32 25.04 33.78 16.47
CA PHE C 32 25.66 32.67 15.74
C PHE C 32 25.05 31.34 16.18
N PHE C 33 24.84 30.44 15.20
CA PHE C 33 24.09 29.19 15.46
C PHE C 33 24.66 27.94 14.79
N TRP C 34 24.45 26.81 15.47
CA TRP C 34 24.65 25.50 14.91
C TRP C 34 23.35 24.75 14.71
N TYR C 35 23.25 24.11 13.55
CA TYR C 35 22.08 23.33 13.22
C TYR C 35 22.59 21.99 12.91
N ARG C 36 21.79 20.99 13.25
CA ARG C 36 22.09 19.63 12.86
C ARG C 36 21.08 19.18 11.82
N GLN C 37 21.54 18.46 10.78
CA GLN C 37 20.65 17.95 9.74
C GLN C 37 20.96 16.53 9.36
N TYR C 38 20.08 15.62 9.78
CA TYR C 38 20.19 14.21 9.39
C TYR C 38 19.86 14.06 7.92
N SER C 39 20.41 13.05 7.28
CA SER C 39 20.20 12.88 5.87
C SER C 39 18.68 12.70 5.55
N GLY C 40 18.19 13.45 4.58
CA GLY C 40 16.77 13.46 4.26
C GLY C 40 15.83 14.17 5.22
N LYS C 41 16.36 14.85 6.22
CA LYS C 41 15.55 15.50 7.24
C LYS C 41 15.80 17.04 7.20
N SER C 42 15.26 17.74 8.19
CA SER C 42 15.28 19.16 8.25
C SER C 42 16.37 19.64 9.21
N PRO C 43 16.84 20.88 9.03
CA PRO C 43 17.76 21.43 9.98
C PRO C 43 17.11 21.69 11.31
N GLU C 44 17.83 21.33 12.36
CA GLU C 44 17.37 21.43 13.74
C GLU C 44 18.36 22.26 14.54
N LEU C 45 17.83 23.26 15.22
CA LEU C 45 18.65 24.10 16.08
C LEU C 45 19.23 23.25 17.20
N ILE C 46 20.56 23.22 17.29
CA ILE C 46 21.19 22.59 18.46
C ILE C 46 21.98 23.51 19.39
N MET C 47 22.49 24.65 18.90
CA MET C 47 23.30 25.57 19.72
C MET C 47 23.22 27.04 19.28
N SER C 48 22.99 27.92 20.24
CA SER C 48 23.10 29.36 20.00
C SER C 48 24.18 29.92 20.90
N ILE C 49 24.81 30.99 20.44
CA ILE C 49 25.89 31.67 21.16
C ILE C 49 25.96 33.11 20.69
N TYR C 50 26.21 34.00 21.65
CA TYR C 50 26.23 35.45 21.44
C TYR C 50 27.42 36.04 22.17
N SER C 51 27.91 35.31 23.18
CA SER C 51 29.02 35.77 24.04
C SER C 51 30.30 34.91 23.86
N ASN C 52 31.44 35.60 23.80
CA ASN C 52 32.77 35.00 23.55
C ASN C 52 33.25 34.08 24.67
N GLY C 53 33.82 32.94 24.27
CA GLY C 53 34.13 31.87 25.21
C GLY C 53 33.32 30.64 24.85
N ASP C 54 33.10 29.76 25.83
CA ASP C 54 32.43 28.49 25.60
C ASP C 54 30.99 28.43 26.16
N LYS C 55 30.07 27.90 25.36
CA LYS C 55 28.76 27.54 25.85
C LYS C 55 28.60 26.04 25.72
N GLU C 56 27.93 25.41 26.69
CA GLU C 56 27.93 23.95 26.79
C GLU C 56 26.57 23.38 27.13
N ASP C 57 26.13 22.41 26.36
CA ASP C 57 24.94 21.67 26.71
C ASP C 57 25.13 20.23 26.29
N GLY C 58 25.05 19.31 27.25
CA GLY C 58 25.32 17.91 26.99
C GLY C 58 26.75 17.70 26.47
N ARG C 59 26.89 16.93 25.40
CA ARG C 59 28.20 16.71 24.83
C ARG C 59 28.57 17.76 23.75
N PHE C 60 27.79 18.83 23.66
CA PHE C 60 28.06 19.90 22.71
C PHE C 60 28.83 21.03 23.37
N THR C 61 29.79 21.62 22.64
CA THR C 61 30.44 22.85 23.07
C THR C 61 30.57 23.85 21.91
N ALA C 62 29.83 24.95 21.98
CA ALA C 62 29.94 26.02 20.99
C ALA C 62 30.97 27.04 21.44
N GLN C 63 31.59 27.75 20.49
CA GLN C 63 32.69 28.70 20.76
C GLN C 63 32.67 29.83 19.77
N LEU C 64 32.88 31.06 20.23
CA LEU C 64 32.87 32.18 19.31
C LEU C 64 34.07 33.09 19.50
N ASN C 65 34.57 33.64 18.38
CA ASN C 65 35.71 34.54 18.39
C ASN C 65 35.45 35.65 17.40
N LYS C 66 34.74 36.68 17.86
CA LYS C 66 34.31 37.76 16.99
C LYS C 66 35.52 38.45 16.37
N ALA C 67 36.62 38.50 17.12
CA ALA C 67 37.81 39.26 16.72
C ALA C 67 38.39 38.67 15.43
N SER C 68 38.45 37.35 15.38
CA SER C 68 38.99 36.64 14.22
C SER C 68 37.89 36.12 13.27
N GLN C 69 36.62 36.35 13.66
CA GLN C 69 35.44 36.05 12.85
C GLN C 69 35.30 34.54 12.67
N TYR C 70 35.19 33.85 13.80
CA TYR C 70 35.45 32.42 13.88
C TYR C 70 34.52 31.74 14.85
N VAL C 71 33.71 30.84 14.34
CA VAL C 71 32.83 30.05 15.16
C VAL C 71 33.24 28.56 15.07
N SER C 72 33.05 27.83 16.16
CA SER C 72 33.35 26.42 16.15
C SER C 72 32.34 25.66 16.95
N LEU C 73 32.28 24.36 16.72
CA LEU C 73 31.47 23.46 17.52
C LEU C 73 32.27 22.18 17.76
N LEU C 74 32.24 21.74 19.01
CA LEU C 74 32.80 20.44 19.39
C LEU C 74 31.74 19.45 19.88
N ILE C 75 31.75 18.24 19.37
CA ILE C 75 30.91 17.19 19.93
C ILE C 75 31.83 16.18 20.61
N ARG C 76 31.75 16.08 21.93
CA ARG C 76 32.55 15.10 22.69
C ARG C 76 31.86 13.74 22.71
N ASP C 77 32.61 12.67 22.99
CA ASP C 77 32.11 11.28 23.12
C ASP C 77 31.16 10.99 21.95
N SER C 78 31.64 11.19 20.74
CA SER C 78 30.75 11.10 19.60
C SER C 78 30.15 9.69 19.55
N GLN C 79 28.88 9.59 19.12
CA GLN C 79 28.18 8.32 18.91
C GLN C 79 27.71 8.21 17.44
N PRO C 80 27.44 6.97 16.97
CA PRO C 80 27.05 6.84 15.57
C PRO C 80 25.75 7.59 15.23
N SER C 81 24.91 7.86 16.23
CA SER C 81 23.73 8.72 16.05
C SER C 81 24.01 10.26 15.88
N ASP C 82 25.27 10.67 16.01
CA ASP C 82 25.69 12.07 15.77
C ASP C 82 25.97 12.32 14.30
N SER C 83 26.00 11.24 13.53
CA SER C 83 26.32 11.34 12.12
C SER C 83 25.26 12.17 11.45
N ALA C 84 25.66 13.30 10.88
CA ALA C 84 24.72 14.24 10.29
C ALA C 84 25.57 15.31 9.62
N THR C 85 24.90 16.25 8.97
CA THR C 85 25.69 17.38 8.48
C THR C 85 25.34 18.56 9.33
N TYR C 86 26.35 19.37 9.64
CA TYR C 86 26.24 20.40 10.66
C TYR C 86 26.43 21.72 9.95
N LEU C 87 25.46 22.63 10.20
CA LEU C 87 25.42 23.87 9.50
C LEU C 87 25.65 25.05 10.42
N CYS C 88 26.49 25.95 9.93
CA CYS C 88 26.76 27.17 10.66
C CYS C 88 25.94 28.30 10.08
N ALA C 89 25.24 29.02 10.97
CA ALA C 89 24.40 30.11 10.54
C ALA C 89 24.78 31.40 11.26
N VAL C 90 24.89 32.46 10.47
CA VAL C 90 25.40 33.70 10.97
C VAL C 90 24.41 34.83 10.67
N THR C 91 24.23 35.71 11.65
CA THR C 91 23.38 36.89 11.48
C THR C 91 24.04 38.18 11.92
N THR C 92 24.11 39.10 10.95
CA THR C 92 24.05 40.55 11.15
C THR C 92 22.73 40.88 11.84
N ASP C 93 22.81 41.75 12.87
CA ASP C 93 21.66 42.12 13.76
C ASP C 93 21.28 41.01 14.77
N SER C 94 20.03 41.13 15.25
CA SER C 94 19.29 40.02 15.89
C SER C 94 18.52 39.27 14.78
N TRP C 95 17.58 39.98 14.17
CA TRP C 95 16.74 39.45 13.11
C TRP C 95 17.53 39.33 11.81
N GLY C 96 17.88 38.09 11.48
CA GLY C 96 18.76 37.82 10.34
C GLY C 96 18.06 37.79 8.99
N LYS C 97 18.80 38.18 7.95
CA LYS C 97 18.74 37.49 6.68
C LYS C 97 19.91 36.50 6.80
N LEU C 98 19.64 35.44 7.58
CA LEU C 98 20.58 34.40 8.00
C LEU C 98 21.47 33.91 6.86
N GLN C 99 22.79 34.08 7.03
CA GLN C 99 23.78 33.56 6.09
C GLN C 99 24.24 32.18 6.57
N PHE C 100 24.00 31.19 5.73
CA PHE C 100 24.24 29.78 6.06
C PHE C 100 25.49 29.26 5.36
N GLY C 101 26.23 28.42 6.06
CA GLY C 101 27.38 27.71 5.46
C GLY C 101 26.86 26.52 4.65
N ALA C 102 27.70 25.97 3.77
CA ALA C 102 27.27 24.80 3.00
C ALA C 102 27.24 23.52 3.82
N GLY C 103 27.74 23.58 5.05
CA GLY C 103 27.62 22.47 6.01
C GLY C 103 28.82 21.53 6.02
N THR C 104 29.07 20.85 7.13
CA THR C 104 30.10 19.81 7.11
C THR C 104 29.52 18.50 7.55
N GLN C 105 29.64 17.49 6.71
CA GLN C 105 29.14 16.15 7.07
C GLN C 105 30.05 15.44 8.09
N VAL C 106 29.46 14.90 9.14
CA VAL C 106 30.21 14.10 10.09
C VAL C 106 29.76 12.62 10.05
N VAL C 107 30.73 11.70 9.95
CA VAL C 107 30.46 10.27 10.03
C VAL C 107 31.17 9.76 11.26
N VAL C 108 30.41 9.38 12.29
CA VAL C 108 31.03 8.77 13.47
C VAL C 108 31.09 7.28 13.25
N THR C 109 32.28 6.74 13.09
CA THR C 109 32.34 5.31 12.80
C THR C 109 32.22 4.42 14.06
N PRO C 110 31.42 3.34 13.97
CA PRO C 110 31.19 2.51 15.15
C PRO C 110 32.44 1.77 15.60
N ASP C 111 32.60 1.62 16.92
CA ASP C 111 33.62 0.78 17.52
C ASP C 111 33.21 -0.71 17.45
N ILE C 112 33.65 -1.47 16.45
CA ILE C 112 33.15 -2.86 16.33
C ILE C 112 33.94 -3.79 17.18
N GLN C 113 33.27 -4.32 18.20
CA GLN C 113 33.91 -5.11 19.25
C GLN C 113 34.66 -6.37 18.83
N ASN C 114 33.97 -7.44 18.47
CA ASN C 114 34.70 -8.39 17.67
C ASN C 114 34.06 -8.73 16.33
N PRO C 115 34.73 -8.33 15.27
CA PRO C 115 34.18 -8.54 13.95
C PRO C 115 34.36 -9.98 13.57
N ASP C 116 33.37 -10.53 12.87
CA ASP C 116 33.75 -11.55 11.93
C ASP C 116 33.09 -11.43 10.60
N PRO C 117 33.79 -10.71 9.73
CA PRO C 117 33.44 -10.34 8.39
C PRO C 117 33.03 -11.60 7.58
N ALA C 118 31.87 -11.53 6.94
CA ALA C 118 31.35 -12.68 6.18
C ALA C 118 30.45 -12.16 5.09
N VAL C 119 30.37 -12.95 4.03
CA VAL C 119 29.50 -12.60 2.90
C VAL C 119 28.48 -13.71 2.83
N TYR C 120 27.20 -13.34 2.71
CA TYR C 120 26.13 -14.33 2.62
C TYR C 120 25.28 -14.10 1.38
N GLN C 121 24.76 -15.17 0.84
CA GLN C 121 23.80 -15.13 -0.25
C GLN C 121 22.39 -15.27 0.32
N LEU C 122 21.53 -14.34 -0.05
CA LEU C 122 20.12 -14.35 0.39
C LEU C 122 19.17 -14.44 -0.79
N ARG C 123 18.18 -15.32 -0.73
CA ARG C 123 17.31 -15.47 -1.87
C ARG C 123 15.94 -14.83 -1.64
N ASP C 124 15.37 -14.40 -2.76
CA ASP C 124 14.04 -13.82 -2.80
C ASP C 124 12.95 -14.75 -2.22
N SER C 125 12.15 -14.16 -1.34
CA SER C 125 10.99 -14.86 -0.78
C SER C 125 9.94 -15.20 -1.87
N LYS C 126 9.93 -14.45 -2.97
CA LYS C 126 8.97 -14.61 -4.09
C LYS C 126 9.46 -15.61 -5.17
N SER C 127 10.74 -15.48 -5.57
CA SER C 127 11.33 -16.24 -6.69
C SER C 127 12.68 -16.83 -6.25
N SER C 128 12.74 -18.15 -6.11
CA SER C 128 13.94 -18.78 -5.51
C SER C 128 15.26 -18.61 -6.31
N ASP C 129 15.17 -18.14 -7.57
CA ASP C 129 16.37 -17.84 -8.38
C ASP C 129 16.90 -16.38 -8.32
N LYS C 130 16.20 -15.46 -7.65
CA LYS C 130 16.72 -14.09 -7.49
C LYS C 130 17.45 -13.99 -6.18
N SER C 131 18.60 -13.35 -6.21
CA SER C 131 19.38 -13.22 -5.01
C SER C 131 20.15 -11.89 -4.87
N VAL C 132 20.62 -11.68 -3.65
CA VAL C 132 21.40 -10.54 -3.27
C VAL C 132 22.57 -11.09 -2.41
N CYS C 133 23.67 -10.37 -2.35
CA CYS C 133 24.78 -10.72 -1.49
C CYS C 133 24.94 -9.69 -0.43
N LEU C 134 25.12 -10.17 0.81
CA LEU C 134 25.29 -9.34 2.00
C LEU C 134 26.71 -9.49 2.54
N PHE C 135 27.48 -8.38 2.60
CA PHE C 135 28.74 -8.34 3.33
C PHE C 135 28.44 -7.72 4.70
N THR C 136 28.64 -8.50 5.76
CA THR C 136 28.31 -8.02 7.09
C THR C 136 29.36 -8.38 8.18
N ASP C 137 29.30 -7.62 9.30
CA ASP C 137 30.08 -7.82 10.55
C ASP C 137 31.55 -7.51 10.44
N PHE C 138 31.94 -6.65 9.49
CA PHE C 138 33.35 -6.27 9.36
C PHE C 138 33.62 -5.06 10.23
N ASP C 139 34.88 -4.79 10.52
CA ASP C 139 35.15 -3.61 11.34
C ASP C 139 35.11 -2.33 10.50
N SER C 140 35.09 -1.19 11.20
CA SER C 140 34.88 0.09 10.54
C SER C 140 36.09 0.65 9.80
N GLN C 141 37.23 -0.05 9.88
CA GLN C 141 38.40 0.29 9.06
C GLN C 141 38.33 -0.36 7.69
N THR C 142 37.33 -1.20 7.50
CA THR C 142 37.12 -1.97 6.29
C THR C 142 36.50 -1.16 5.16
N ASN C 143 37.18 -1.16 4.00
CA ASN C 143 36.69 -0.43 2.82
C ASN C 143 35.79 -1.21 1.87
N VAL C 144 34.58 -0.70 1.66
CA VAL C 144 33.76 -1.21 0.58
C VAL C 144 33.79 -0.26 -0.61
N SER C 145 34.52 -0.66 -1.64
CA SER C 145 34.58 0.14 -2.86
C SER C 145 33.73 -0.48 -3.98
N GLN C 146 33.22 0.37 -4.85
CA GLN C 146 32.30 -0.03 -5.90
C GLN C 146 33.08 -0.49 -7.09
N SER C 147 33.54 0.50 -7.86
CA SER C 147 34.26 0.32 -9.13
C SER C 147 33.42 -0.58 -10.05
N LYS C 148 33.97 -1.75 -10.38
CA LYS C 148 33.28 -2.84 -11.06
C LYS C 148 32.77 -2.49 -12.48
N ASP C 149 31.79 -3.27 -12.94
CA ASP C 149 31.10 -2.99 -14.22
C ASP C 149 29.70 -2.49 -13.93
N SER C 150 29.18 -1.67 -14.84
CA SER C 150 27.87 -1.07 -14.63
C SER C 150 26.77 -2.12 -14.40
N ASP C 151 27.16 -3.40 -14.37
CA ASP C 151 26.24 -4.53 -14.11
C ASP C 151 26.16 -5.01 -12.65
N VAL C 152 27.13 -4.62 -11.83
CA VAL C 152 27.15 -4.99 -10.42
C VAL C 152 26.94 -3.77 -9.52
N TYR C 153 25.95 -3.84 -8.66
CA TYR C 153 25.67 -2.72 -7.76
C TYR C 153 26.14 -3.01 -6.37
N ILE C 154 26.90 -2.09 -5.81
CA ILE C 154 27.42 -2.28 -4.45
C ILE C 154 27.12 -1.02 -3.66
N THR C 155 26.41 -1.17 -2.56
CA THR C 155 25.98 -0.03 -1.75
C THR C 155 27.15 0.44 -0.87
N ASP C 156 27.04 1.65 -0.30
CA ASP C 156 27.90 2.09 0.80
C ASP C 156 27.66 1.25 2.06
N LYS C 157 28.57 1.32 3.01
CA LYS C 157 28.33 0.64 4.27
C LYS C 157 27.35 1.38 5.12
N CYS C 158 26.64 0.63 5.93
CA CYS C 158 25.53 1.17 6.69
C CYS C 158 25.62 0.51 8.10
N VAL C 159 25.45 1.31 9.12
CA VAL C 159 25.47 0.79 10.52
C VAL C 159 24.06 0.53 11.08
N LEU C 160 23.79 -0.72 11.48
CA LEU C 160 22.54 -1.10 12.16
C LEU C 160 22.78 -1.41 13.64
N ASP C 161 21.83 -1.00 14.47
CA ASP C 161 21.92 -1.08 15.92
C ASP C 161 20.79 -1.98 16.49
N MET C 162 21.12 -3.22 16.85
CA MET C 162 20.16 -4.10 17.54
C MET C 162 20.11 -3.91 19.09
N ARG C 163 19.22 -3.03 19.56
CA ARG C 163 18.99 -2.78 21.00
C ARG C 163 18.61 -4.00 21.82
N SER C 164 17.91 -4.95 21.19
CA SER C 164 17.50 -6.20 21.86
C SER C 164 18.73 -7.07 22.24
N MET C 165 19.89 -6.72 21.68
CA MET C 165 21.14 -7.50 21.84
C MET C 165 22.38 -6.71 22.25
N ASP C 166 22.29 -5.37 22.35
CA ASP C 166 23.46 -4.50 22.57
C ASP C 166 24.54 -4.74 21.50
N PHE C 167 24.16 -4.59 20.22
CA PHE C 167 24.95 -5.10 19.15
C PHE C 167 24.85 -4.16 17.95
N LYS C 168 25.98 -3.66 17.49
CA LYS C 168 26.07 -2.88 16.27
C LYS C 168 26.79 -3.69 15.15
N SER C 169 26.37 -3.51 13.89
CA SER C 169 27.04 -4.12 12.74
C SER C 169 27.05 -3.25 11.48
N ASN C 170 28.17 -3.37 10.77
CA ASN C 170 28.35 -2.81 9.48
C ASN C 170 27.84 -3.81 8.47
N SER C 171 27.19 -3.29 7.43
CA SER C 171 26.88 -4.15 6.27
C SER C 171 26.85 -3.37 4.96
N ALA C 172 27.13 -4.06 3.86
CA ALA C 172 26.93 -3.56 2.50
C ALA C 172 26.23 -4.64 1.66
N VAL C 173 25.50 -4.20 0.65
CA VAL C 173 24.66 -5.07 -0.15
C VAL C 173 25.13 -4.97 -1.58
N ALA C 174 25.16 -6.11 -2.26
CA ALA C 174 25.47 -6.15 -3.67
C ALA C 174 24.50 -7.06 -4.44
N TRP C 175 24.26 -6.68 -5.69
CA TRP C 175 23.43 -7.50 -6.56
C TRP C 175 23.83 -7.21 -7.98
N SER C 176 23.44 -8.10 -8.89
CA SER C 176 23.70 -7.98 -10.31
C SER C 176 22.46 -8.55 -10.98
N ASN C 177 21.91 -7.75 -11.89
CA ASN C 177 20.51 -7.87 -12.36
C ASN C 177 20.17 -9.11 -13.21
N LYS C 178 20.96 -9.32 -14.27
CA LYS C 178 21.14 -10.65 -14.83
C LYS C 178 22.58 -11.04 -14.53
N SER C 179 22.81 -12.34 -14.36
CA SER C 179 24.14 -12.97 -14.52
C SER C 179 24.20 -14.36 -13.89
N ASP C 180 25.27 -15.13 -14.19
CA ASP C 180 25.70 -16.24 -13.34
C ASP C 180 26.60 -15.73 -12.19
N PHE C 181 26.16 -14.60 -11.61
CA PHE C 181 26.92 -13.77 -10.68
C PHE C 181 27.01 -14.38 -9.31
N ALA C 182 28.25 -14.46 -8.82
CA ALA C 182 28.55 -15.06 -7.52
C ALA C 182 28.97 -14.01 -6.51
N CYS C 183 28.54 -14.23 -5.26
CA CYS C 183 28.87 -13.37 -4.14
C CYS C 183 30.36 -13.33 -3.94
N ALA C 184 31.04 -14.38 -4.43
CA ALA C 184 32.48 -14.51 -4.34
C ALA C 184 33.20 -13.46 -5.18
N ASN C 185 32.61 -13.07 -6.31
CA ASN C 185 33.16 -12.00 -7.14
C ASN C 185 32.81 -10.63 -6.62
N ALA C 186 31.77 -10.58 -5.78
CA ALA C 186 31.08 -9.34 -5.49
C ALA C 186 31.95 -8.33 -4.76
N PHE C 187 32.44 -8.72 -3.59
CA PHE C 187 33.21 -7.84 -2.75
C PHE C 187 34.72 -8.10 -2.84
N ASN C 188 35.25 -8.13 -4.07
CA ASN C 188 36.70 -8.04 -4.30
C ASN C 188 37.18 -7.21 -5.53
N ASN C 189 36.39 -6.18 -5.87
CA ASN C 189 36.96 -4.93 -6.37
C ASN C 189 37.19 -4.13 -5.10
N SER C 190 36.36 -4.48 -4.11
CA SER C 190 36.52 -4.13 -2.71
C SER C 190 37.29 -5.29 -2.04
N ILE C 191 38.48 -5.64 -2.58
CA ILE C 191 39.24 -6.88 -2.24
C ILE C 191 39.31 -7.26 -0.76
N ILE C 192 39.38 -8.55 -0.47
CA ILE C 192 39.36 -9.06 0.91
C ILE C 192 40.75 -9.00 1.64
N PRO C 193 40.83 -8.29 2.81
CA PRO C 193 42.11 -8.08 3.51
C PRO C 193 42.54 -9.12 4.60
N GLU C 194 41.59 -9.83 5.22
CA GLU C 194 41.90 -10.91 6.21
C GLU C 194 40.85 -12.03 6.32
N ASN D 1 0.05 20.73 19.42
CA ASN D 1 1.04 21.56 18.68
C ASN D 1 1.42 20.86 17.38
N ALA D 2 1.62 21.65 16.33
CA ALA D 2 1.94 21.12 15.01
C ALA D 2 3.37 21.41 14.55
N GLY D 3 3.99 22.49 15.06
CA GLY D 3 5.28 22.96 14.51
C GLY D 3 5.08 23.52 13.10
N VAL D 4 6.13 23.55 12.27
CA VAL D 4 5.96 24.00 10.88
C VAL D 4 5.59 22.79 10.02
N THR D 5 4.49 22.88 9.27
CA THR D 5 4.13 21.79 8.36
C THR D 5 4.21 22.20 6.87
N GLN D 6 4.60 21.28 6.01
CA GLN D 6 4.83 21.56 4.59
C GLN D 6 4.19 20.47 3.83
N THR D 7 3.69 20.82 2.64
CA THR D 7 2.90 19.95 1.78
C THR D 7 3.20 20.42 0.31
N PRO D 8 3.44 19.49 -0.63
CA PRO D 8 3.62 18.03 -0.45
C PRO D 8 5.07 17.73 -0.02
N LYS D 9 5.37 16.52 0.44
CA LYS D 9 6.76 16.18 0.80
C LYS D 9 7.59 15.97 -0.45
N PHE D 10 6.93 15.49 -1.50
CA PHE D 10 7.63 15.21 -2.77
C PHE D 10 6.79 15.59 -3.95
N GLN D 11 7.39 16.10 -5.03
CA GLN D 11 6.65 16.41 -6.25
C GLN D 11 7.56 16.19 -7.48
N VAL D 12 7.11 15.43 -8.49
CA VAL D 12 7.69 15.61 -9.86
C VAL D 12 6.91 16.62 -10.68
N LEU D 13 7.66 17.41 -11.46
CA LEU D 13 7.05 18.35 -12.42
C LEU D 13 7.66 18.25 -13.82
N LYS D 14 6.84 18.42 -14.84
CA LYS D 14 7.37 18.59 -16.18
C LYS D 14 7.81 20.07 -16.32
N THR D 15 8.84 20.32 -17.13
CA THR D 15 9.24 21.68 -17.41
C THR D 15 8.04 22.51 -17.87
N GLY D 16 7.90 23.70 -17.32
CA GLY D 16 6.76 24.55 -17.67
C GLY D 16 5.58 24.42 -16.70
N GLN D 17 5.47 23.29 -16.00
CA GLN D 17 4.35 23.16 -15.04
C GLN D 17 4.54 24.12 -13.88
N SER D 18 3.42 24.60 -13.33
CA SER D 18 3.43 25.41 -12.12
C SER D 18 3.07 24.53 -10.91
N MET D 19 3.46 24.94 -9.69
CA MET D 19 3.02 24.23 -8.48
CA MET D 19 3.17 24.18 -8.45
C MET D 19 3.08 25.14 -7.27
N THR D 20 2.26 24.81 -6.27
CA THR D 20 2.25 25.60 -5.03
C THR D 20 2.76 24.74 -3.90
N LEU D 21 3.83 25.15 -3.25
CA LEU D 21 4.28 24.53 -2.00
CA LEU D 21 4.26 24.51 -1.99
C LEU D 21 3.57 25.21 -0.83
N GLN D 22 2.97 24.42 0.04
CA GLN D 22 2.29 24.97 1.18
C GLN D 22 3.13 24.90 2.43
N CYS D 23 2.96 25.92 3.26
CA CYS D 23 3.59 26.08 4.57
C CYS D 23 2.63 26.70 5.60
N ALA D 24 2.36 25.95 6.67
CA ALA D 24 1.59 26.43 7.78
C ALA D 24 2.37 26.29 9.11
N GLN D 25 1.99 27.08 10.08
CA GLN D 25 2.71 27.08 11.31
C GLN D 25 1.67 27.46 12.34
N ASP D 26 1.64 26.67 13.41
CA ASP D 26 0.66 26.73 14.44
C ASP D 26 1.06 27.64 15.60
N MET D 27 2.23 28.23 15.53
CA MET D 27 2.81 28.86 16.72
C MET D 27 2.67 30.37 16.76
N ASN D 28 1.88 30.94 15.84
CA ASN D 28 1.63 32.38 15.86
C ASN D 28 2.93 33.19 15.62
N HIS D 29 3.89 32.55 14.97
CA HIS D 29 5.17 33.14 14.59
C HIS D 29 5.00 34.23 13.54
N GLU D 30 5.59 35.41 13.75
CA GLU D 30 5.44 36.51 12.80
C GLU D 30 6.33 36.44 11.54
N TYR D 31 7.49 35.80 11.66
CA TYR D 31 8.42 35.76 10.58
C TYR D 31 8.41 34.35 9.93
N MET D 32 8.27 34.32 8.61
CA MET D 32 8.40 33.06 7.88
C MET D 32 9.33 33.25 6.68
N SER D 33 9.92 32.15 6.19
CA SER D 33 11.00 32.15 5.20
C SER D 33 10.87 30.96 4.29
N TRP D 34 11.41 31.04 3.07
CA TRP D 34 11.55 29.90 2.16
C TRP D 34 12.99 29.79 1.67
N TYR D 35 13.57 28.61 1.83
CA TYR D 35 14.93 28.38 1.41
C TYR D 35 14.89 27.25 0.42
N ARG D 36 15.83 27.26 -0.51
CA ARG D 36 16.16 26.05 -1.22
C ARG D 36 17.54 25.55 -0.87
N GLN D 37 17.69 24.23 -0.89
CA GLN D 37 18.93 23.58 -0.58
C GLN D 37 19.37 22.72 -1.74
N ASP D 38 20.61 22.98 -2.14
CA ASP D 38 21.29 22.35 -3.25
C ASP D 38 22.64 21.82 -2.79
N PRO D 39 23.12 20.73 -3.43
CA PRO D 39 24.35 20.04 -2.96
C PRO D 39 25.58 20.89 -2.76
N GLY D 40 25.79 21.89 -3.60
CA GLY D 40 27.03 22.65 -3.46
C GLY D 40 27.00 23.64 -2.31
N MET D 41 25.81 24.18 -1.99
CA MET D 41 25.76 25.46 -1.25
C MET D 41 25.00 25.51 0.06
N GLY D 42 24.32 24.45 0.42
CA GLY D 42 23.44 24.56 1.60
C GLY D 42 22.20 25.38 1.22
N LEU D 43 21.89 26.40 2.02
CA LEU D 43 20.56 27.05 2.05
C LEU D 43 20.56 28.45 1.44
N ARG D 44 19.66 28.68 0.48
CA ARG D 44 19.55 30.03 -0.07
C ARG D 44 18.14 30.51 0.17
N LEU D 45 18.04 31.70 0.73
CA LEU D 45 16.78 32.38 0.95
C LEU D 45 16.12 32.75 -0.38
N ILE D 46 14.85 32.40 -0.53
CA ILE D 46 14.12 32.67 -1.72
C ILE D 46 13.29 33.91 -1.47
N HIS D 47 12.41 33.87 -0.47
CA HIS D 47 11.57 35.03 -0.10
C HIS D 47 11.31 34.92 1.41
N TYR D 48 10.97 36.02 2.04
CA TYR D 48 10.70 36.04 3.47
C TYR D 48 9.54 36.98 3.78
N SER D 49 9.01 36.89 4.99
CA SER D 49 7.85 37.69 5.37
C SER D 49 7.95 38.03 6.82
N VAL D 50 7.96 39.32 7.15
CA VAL D 50 8.02 39.73 8.54
C VAL D 50 6.67 39.83 9.21
N GLY D 51 5.60 39.64 8.46
CA GLY D 51 4.27 39.61 9.08
C GLY D 51 3.23 39.51 7.99
N ALA D 52 2.00 39.23 8.38
CA ALA D 52 0.82 39.34 7.50
C ALA D 52 0.83 40.64 6.74
N GLY D 53 0.60 40.55 5.42
CA GLY D 53 0.53 41.71 4.54
C GLY D 53 1.88 42.02 3.91
N ILE D 54 2.93 41.29 4.29
CA ILE D 54 4.28 41.73 4.00
C ILE D 54 5.15 40.63 3.46
N THR D 55 5.69 40.84 2.26
CA THR D 55 6.65 39.90 1.73
C THR D 55 7.82 40.65 1.14
N ASP D 56 9.00 40.02 1.16
CA ASP D 56 10.22 40.71 0.71
C ASP D 56 11.11 39.71 -0.01
N GLN D 57 11.97 40.18 -0.92
CA GLN D 57 12.72 39.20 -1.68
C GLN D 57 13.99 38.75 -1.01
N GLY D 58 14.39 37.48 -1.27
CA GLY D 58 15.66 36.93 -0.82
C GLY D 58 16.73 36.99 -1.91
N GLU D 59 17.68 36.04 -1.91
CA GLU D 59 18.79 36.07 -2.87
C GLU D 59 18.52 35.39 -4.21
N VAL D 60 17.66 34.36 -4.22
CA VAL D 60 17.27 33.69 -5.46
C VAL D 60 15.73 33.69 -5.63
N PRO D 61 15.13 34.88 -5.81
CA PRO D 61 13.65 35.03 -5.86
C PRO D 61 12.94 34.77 -7.22
N ASN D 62 13.68 34.93 -8.33
CA ASN D 62 13.14 34.80 -9.70
C ASN D 62 12.57 33.40 -10.00
N GLY D 63 11.33 33.35 -10.49
CA GLY D 63 10.64 32.11 -10.80
C GLY D 63 9.69 31.73 -9.67
N TYR D 64 9.72 32.51 -8.60
CA TYR D 64 8.92 32.20 -7.41
C TYR D 64 8.03 33.36 -6.97
N ASN D 65 6.75 33.09 -6.71
CA ASN D 65 5.90 34.07 -6.01
C ASN D 65 5.54 33.53 -4.62
N VAL D 66 5.14 34.42 -3.73
CA VAL D 66 4.87 34.04 -2.37
C VAL D 66 3.66 34.92 -1.93
N SER D 67 2.90 34.49 -0.94
CA SER D 67 1.83 35.33 -0.41
C SER D 67 1.80 35.12 1.08
N ARG D 68 1.53 36.16 1.84
CA ARG D 68 1.34 36.05 3.29
C ARG D 68 0.16 36.91 3.70
N SER D 69 -1.05 36.44 3.49
CA SER D 69 -2.19 37.27 3.85
C SER D 69 -2.66 36.96 5.25
N THR D 70 -2.20 35.85 5.84
CA THR D 70 -2.47 35.61 7.27
C THR D 70 -1.17 35.21 7.94
N THR D 71 -1.19 35.19 9.28
CA THR D 71 -0.01 34.74 10.02
CA THR D 71 -0.05 34.73 10.09
C THR D 71 0.27 33.22 9.95
N GLU D 72 -0.73 32.41 9.64
CA GLU D 72 -0.55 30.96 9.63
C GLU D 72 0.21 30.40 8.44
N ASP D 73 -0.04 30.97 7.26
CA ASP D 73 0.34 30.31 6.05
C ASP D 73 1.28 31.17 5.25
N PHE D 74 2.21 30.53 4.55
CA PHE D 74 3.19 31.21 3.67
C PHE D 74 3.39 30.38 2.41
N PRO D 75 2.42 30.34 1.50
CA PRO D 75 2.70 29.49 0.34
C PRO D 75 3.73 30.04 -0.64
N LEU D 76 4.49 29.12 -1.23
CA LEU D 76 5.42 29.44 -2.32
C LEU D 76 4.93 28.85 -3.62
N ARG D 77 4.89 29.65 -4.67
CA ARG D 77 4.47 29.18 -5.95
C ARG D 77 5.60 29.24 -7.01
N LEU D 78 5.82 28.12 -7.72
CA LEU D 78 6.70 28.09 -8.88
C LEU D 78 5.86 28.34 -10.07
N LEU D 79 6.20 29.37 -10.84
CA LEU D 79 5.39 29.74 -11.98
C LEU D 79 5.57 28.84 -13.20
N SER D 80 6.79 28.41 -13.49
CA SER D 80 7.03 27.69 -14.76
C SER D 80 8.27 26.89 -14.56
N ALA D 81 8.13 25.58 -14.40
CA ALA D 81 9.23 24.81 -13.85
C ALA D 81 10.34 24.62 -14.89
N ALA D 82 11.59 24.67 -14.40
CA ALA D 82 12.82 24.52 -15.20
C ALA D 82 13.70 23.53 -14.45
N PRO D 83 14.61 22.85 -15.18
CA PRO D 83 15.39 21.85 -14.50
C PRO D 83 16.18 22.42 -13.36
N SER D 84 16.58 23.69 -13.43
CA SER D 84 17.39 24.29 -12.36
C SER D 84 16.63 24.39 -11.02
N GLN D 85 15.31 24.20 -11.05
CA GLN D 85 14.50 24.29 -9.84
C GLN D 85 14.34 22.99 -9.06
N THR D 86 14.94 21.93 -9.61
CA THR D 86 15.15 20.71 -8.89
C THR D 86 15.94 21.00 -7.63
N SER D 87 15.32 20.78 -6.46
CA SER D 87 15.91 21.13 -5.20
C SER D 87 15.12 20.60 -4.00
N VAL D 88 15.63 20.80 -2.78
CA VAL D 88 14.79 20.59 -1.60
C VAL D 88 14.45 21.98 -1.04
N TYR D 89 13.17 22.23 -0.81
CA TYR D 89 12.63 23.50 -0.36
C TYR D 89 12.19 23.39 1.10
N PHE D 90 12.70 24.29 1.94
CA PHE D 90 12.34 24.37 3.35
C PHE D 90 11.67 25.66 3.73
N CYS D 91 10.52 25.53 4.38
CA CYS D 91 9.79 26.68 4.97
C CYS D 91 10.35 26.77 6.36
N ALA D 92 10.42 27.95 6.96
CA ALA D 92 10.88 28.07 8.36
C ALA D 92 10.27 29.30 9.02
N SER D 93 10.14 29.27 10.34
CA SER D 93 9.57 30.41 11.01
C SER D 93 10.33 30.77 12.27
N ARG D 94 10.09 31.99 12.74
CA ARG D 94 10.53 32.39 14.05
C ARG D 94 9.54 33.43 14.61
N PRO D 95 9.52 33.61 15.95
CA PRO D 95 8.51 34.55 16.48
C PRO D 95 8.61 35.92 15.76
N GLY D 96 9.86 36.37 15.56
CA GLY D 96 10.20 37.71 15.08
C GLY D 96 9.92 38.68 16.21
N LEU D 97 10.65 38.54 17.33
CA LEU D 97 10.24 39.12 18.63
C LEU D 97 8.71 39.07 18.79
N PRO D 102 14.39 33.61 19.79
CA PRO D 102 15.36 33.84 18.71
C PRO D 102 15.51 32.65 17.73
N GLU D 103 14.85 31.52 18.04
CA GLU D 103 15.14 30.20 17.46
C GLU D 103 14.24 29.82 16.28
N GLN D 104 14.84 29.31 15.19
CA GLN D 104 14.17 29.07 13.90
C GLN D 104 13.71 27.59 13.75
N TYR D 105 12.43 27.35 13.49
CA TYR D 105 11.87 26.01 13.26
C TYR D 105 11.77 25.76 11.76
N PHE D 106 12.32 24.67 11.27
CA PHE D 106 12.15 24.34 9.86
C PHE D 106 11.02 23.36 9.69
N GLY D 107 10.31 23.43 8.57
CA GLY D 107 9.41 22.38 8.12
C GLY D 107 10.22 21.18 7.65
N PRO D 108 9.55 20.04 7.37
CA PRO D 108 10.23 18.80 7.05
C PRO D 108 10.78 18.83 5.63
N GLY D 109 10.48 19.89 4.87
CA GLY D 109 10.97 20.01 3.51
C GLY D 109 10.10 19.41 2.42
N THR D 110 10.22 19.95 1.19
CA THR D 110 9.61 19.38 -0.03
C THR D 110 10.69 19.08 -1.05
N ARG D 111 10.85 17.83 -1.45
CA ARG D 111 11.79 17.55 -2.50
C ARG D 111 11.13 17.56 -3.86
N LEU D 112 11.66 18.35 -4.79
CA LEU D 112 11.03 18.54 -6.07
C LEU D 112 11.99 18.15 -7.16
N THR D 113 11.51 17.41 -8.15
CA THR D 113 12.33 17.09 -9.30
C THR D 113 11.64 17.59 -10.59
N VAL D 114 12.33 18.42 -11.36
CA VAL D 114 11.84 18.85 -12.67
C VAL D 114 12.45 17.95 -13.77
N THR D 115 11.62 17.39 -14.66
CA THR D 115 12.09 16.64 -15.83
C THR D 115 11.43 17.12 -17.15
N GLU D 116 12.09 16.90 -18.29
CA GLU D 116 11.50 17.37 -19.56
C GLU D 116 10.49 16.35 -20.08
N ASP D 117 10.50 15.15 -19.52
CA ASP D 117 9.69 14.08 -20.06
C ASP D 117 9.19 13.21 -18.93
N LEU D 118 7.89 13.25 -18.70
CA LEU D 118 7.27 12.42 -17.70
C LEU D 118 7.35 10.91 -18.02
N LYS D 119 7.85 10.55 -19.20
CA LYS D 119 8.14 9.13 -19.52
C LYS D 119 9.34 8.63 -18.71
N ASN D 120 10.12 9.56 -18.17
CA ASN D 120 11.23 9.20 -17.31
C ASN D 120 10.79 8.62 -15.96
N VAL D 121 9.52 8.77 -15.60
CA VAL D 121 9.00 8.41 -14.24
C VAL D 121 8.69 6.92 -14.20
N PHE D 122 9.23 6.23 -13.19
CA PHE D 122 9.01 4.80 -13.01
C PHE D 122 8.79 4.49 -11.54
N PRO D 123 7.81 3.66 -11.25
CA PRO D 123 7.71 3.27 -9.82
C PRO D 123 8.80 2.22 -9.42
N PRO D 124 9.05 1.99 -8.12
CA PRO D 124 9.99 0.91 -7.75
C PRO D 124 9.43 -0.50 -7.88
N GLU D 125 10.29 -1.47 -8.23
CA GLU D 125 10.00 -2.88 -7.91
C GLU D 125 10.65 -3.13 -6.53
N VAL D 126 9.99 -3.92 -5.72
CA VAL D 126 10.41 -4.14 -4.33
C VAL D 126 10.42 -5.64 -4.09
N ALA D 127 11.52 -6.13 -3.51
CA ALA D 127 11.62 -7.55 -3.18
C ALA D 127 12.26 -7.63 -1.80
N VAL D 128 11.83 -8.61 -1.03
CA VAL D 128 12.47 -9.01 0.26
C VAL D 128 13.29 -10.28 0.06
N PHE D 129 14.55 -10.25 0.45
CA PHE D 129 15.44 -11.38 0.35
C PHE D 129 15.62 -12.01 1.77
N GLU D 130 15.29 -13.30 1.89
CA GLU D 130 15.23 -13.98 3.18
C GLU D 130 16.62 -14.31 3.76
N PRO D 131 16.72 -14.39 5.08
CA PRO D 131 18.02 -14.66 5.70
C PRO D 131 18.69 -15.95 5.28
N SER D 132 19.99 -15.88 5.22
CA SER D 132 20.86 -17.04 4.96
C SER D 132 20.93 -17.96 6.17
N GLU D 133 20.82 -19.26 5.92
CA GLU D 133 21.01 -20.27 6.95
C GLU D 133 22.43 -20.25 7.53
N ALA D 134 23.44 -19.99 6.69
CA ALA D 134 24.80 -19.88 7.15
C ALA D 134 24.94 -18.66 8.08
N GLU D 135 24.22 -17.57 7.83
CA GLU D 135 24.26 -16.46 8.85
C GLU D 135 23.65 -16.95 10.18
N ILE D 136 22.47 -17.57 10.08
CA ILE D 136 21.77 -18.07 11.25
C ILE D 136 22.67 -19.03 12.05
N SER D 137 23.18 -20.08 11.39
CA SER D 137 23.95 -21.10 12.05
C SER D 137 25.39 -20.68 12.02
N HIS D 138 25.68 -19.39 12.30
CA HIS D 138 27.01 -18.87 12.69
C HIS D 138 26.93 -17.71 13.69
N THR D 139 25.82 -16.97 13.66
CA THR D 139 25.68 -15.78 14.49
C THR D 139 24.42 -15.79 15.33
N GLN D 140 23.52 -16.75 15.11
CA GLN D 140 22.13 -16.76 15.60
C GLN D 140 21.38 -15.44 15.42
N LYS D 141 21.73 -14.69 14.40
CA LYS D 141 21.00 -13.48 14.00
C LYS D 141 20.56 -13.71 12.56
N ALA D 142 19.56 -12.97 12.11
CA ALA D 142 18.96 -13.24 10.80
C ALA D 142 18.68 -11.92 10.14
N THR D 143 19.38 -11.63 9.06
CA THR D 143 19.25 -10.33 8.36
C THR D 143 18.39 -10.55 7.10
N LEU D 144 17.33 -9.78 6.97
CA LEU D 144 16.49 -9.69 5.79
C LEU D 144 16.94 -8.45 5.03
N VAL D 145 16.95 -8.54 3.69
CA VAL D 145 17.10 -7.35 2.90
C VAL D 145 15.89 -6.98 2.01
N CYS D 146 15.63 -5.67 1.95
CA CYS D 146 14.60 -5.09 1.08
C CYS D 146 15.38 -4.36 0.00
N LEU D 147 15.05 -4.63 -1.28
CA LEU D 147 15.66 -3.95 -2.42
C LEU D 147 14.57 -3.27 -3.21
N ALA D 148 14.72 -1.98 -3.42
CA ALA D 148 13.80 -1.26 -4.24
C ALA D 148 14.63 -0.81 -5.45
N THR D 149 14.18 -1.15 -6.67
CA THR D 149 14.95 -0.97 -7.88
C THR D 149 14.14 -0.30 -8.99
N GLY D 150 14.84 0.42 -9.84
CA GLY D 150 14.28 0.91 -11.08
C GLY D 150 13.37 2.15 -11.00
N PHE D 151 13.50 2.95 -9.94
CA PHE D 151 12.54 4.04 -9.70
C PHE D 151 13.12 5.41 -10.09
N TYR D 152 12.23 6.31 -10.53
CA TYR D 152 12.63 7.66 -10.86
C TYR D 152 11.36 8.47 -10.75
N PRO D 153 11.43 9.64 -10.13
CA PRO D 153 12.56 10.30 -9.49
C PRO D 153 12.88 9.64 -8.16
N ASP D 154 13.91 10.09 -7.46
CA ASP D 154 14.19 9.41 -6.19
C ASP D 154 13.39 9.94 -5.02
N HIS D 155 12.11 9.67 -5.10
CA HIS D 155 11.16 10.26 -4.16
C HIS D 155 10.52 9.02 -3.55
N VAL D 156 11.17 8.44 -2.54
CA VAL D 156 10.65 7.22 -1.88
C VAL D 156 10.85 7.27 -0.38
N GLU D 157 9.99 6.59 0.37
CA GLU D 157 10.18 6.45 1.82
C GLU D 157 10.03 4.95 2.05
N LEU D 158 11.07 4.34 2.65
CA LEU D 158 11.13 2.91 2.86
C LEU D 158 10.97 2.66 4.34
N SER D 159 10.03 1.78 4.68
CA SER D 159 9.78 1.42 6.09
C SER D 159 9.60 -0.10 6.22
N TRP D 160 9.92 -0.58 7.43
CA TRP D 160 9.82 -2.02 7.75
C TRP D 160 8.70 -2.20 8.73
N TRP D 161 7.93 -3.27 8.54
CA TRP D 161 6.76 -3.54 9.40
C TRP D 161 6.78 -4.99 9.84
N VAL D 162 6.83 -5.20 11.16
CA VAL D 162 6.77 -6.54 11.68
C VAL D 162 5.49 -6.78 12.44
N ASN D 163 4.78 -7.85 12.10
CA ASN D 163 3.45 -8.08 12.62
C ASN D 163 2.57 -6.85 12.62
N GLY D 164 2.63 -6.08 11.55
CA GLY D 164 1.70 -4.97 11.47
C GLY D 164 2.13 -3.66 12.12
N LYS D 165 3.34 -3.63 12.70
CA LYS D 165 3.82 -2.43 13.40
C LYS D 165 5.15 -2.00 12.84
N GLU D 166 5.29 -0.69 12.64
CA GLU D 166 6.54 -0.18 12.06
C GLU D 166 7.69 -0.40 13.03
N VAL D 167 8.82 -0.90 12.55
CA VAL D 167 9.97 -1.02 13.47
C VAL D 167 11.11 -0.09 13.07
N HIS D 168 11.87 0.36 14.07
CA HIS D 168 13.05 1.19 13.83
C HIS D 168 14.33 0.51 14.34
N SER D 169 14.24 -0.34 15.36
CA SER D 169 15.42 -1.01 15.81
C SER D 169 15.83 -2.18 14.94
N GLY D 170 17.14 -2.42 14.83
CA GLY D 170 17.70 -3.43 13.99
C GLY D 170 17.65 -3.20 12.47
N VAL D 171 17.29 -1.97 12.07
CA VAL D 171 17.25 -1.60 10.69
C VAL D 171 18.28 -0.53 10.23
N CYS D 172 18.82 -0.72 9.01
CA CYS D 172 19.47 0.39 8.41
C CYS D 172 19.24 0.49 6.90
N THR D 173 18.90 1.69 6.46
CA THR D 173 18.54 1.94 5.11
C THR D 173 19.63 2.79 4.54
N ASP D 174 19.99 2.52 3.29
CA ASP D 174 21.05 3.29 2.63
C ASP D 174 20.68 4.74 2.73
N PRO D 175 21.66 5.61 3.08
CA PRO D 175 21.44 7.04 3.08
C PRO D 175 21.08 7.59 1.73
N GLN D 176 21.67 7.09 0.64
CA GLN D 176 21.34 7.59 -0.70
C GLN D 176 21.12 6.48 -1.67
N PRO D 177 20.13 6.63 -2.56
CA PRO D 177 20.08 5.70 -3.67
C PRO D 177 21.33 5.67 -4.49
N LEU D 178 21.53 4.55 -5.12
CA LEU D 178 22.60 4.35 -6.06
C LEU D 178 21.90 4.67 -7.39
N LYS D 179 22.61 5.29 -8.34
CA LYS D 179 22.16 5.44 -9.72
C LYS D 179 22.38 4.14 -10.48
N GLU D 180 21.37 3.64 -11.14
CA GLU D 180 21.54 2.44 -11.96
C GLU D 180 22.39 2.67 -13.21
N GLN D 181 22.36 3.90 -13.73
CA GLN D 181 23.24 4.33 -14.81
C GLN D 181 23.81 5.73 -14.52
N PRO D 182 24.92 5.79 -13.78
CA PRO D 182 25.59 6.99 -13.25
C PRO D 182 25.83 8.11 -14.26
N ALA D 183 26.21 7.76 -15.48
CA ALA D 183 26.42 8.77 -16.51
C ALA D 183 25.12 9.48 -16.91
N LEU D 184 23.95 8.85 -16.70
CA LEU D 184 22.71 9.40 -17.29
C LEU D 184 21.99 10.34 -16.31
N ASN D 185 21.54 11.46 -16.83
CA ASN D 185 20.90 12.49 -16.02
C ASN D 185 19.60 12.03 -15.37
N ASP D 186 18.75 11.42 -16.19
CA ASP D 186 17.44 10.95 -15.73
C ASP D 186 17.53 9.46 -15.31
N SER D 187 18.70 9.03 -14.86
CA SER D 187 18.92 7.63 -14.44
C SER D 187 17.93 7.18 -13.37
N ARG D 188 17.50 5.93 -13.47
CA ARG D 188 16.69 5.30 -12.46
C ARG D 188 17.55 4.97 -11.23
N TYR D 189 16.91 4.66 -10.10
CA TYR D 189 17.59 4.44 -8.84
C TYR D 189 17.29 3.08 -8.21
N ALA D 190 18.12 2.67 -7.26
CA ALA D 190 17.82 1.54 -6.39
C ALA D 190 18.17 1.97 -4.95
N LEU D 191 17.58 1.33 -3.96
CA LEU D 191 17.78 1.59 -2.57
C LEU D 191 17.69 0.23 -1.87
N SER D 192 18.64 -0.06 -0.98
CA SER D 192 18.49 -1.23 -0.14
C SER D 192 18.27 -0.88 1.34
N SER D 193 17.72 -1.83 2.07
CA SER D 193 17.63 -1.70 3.56
C SER D 193 17.82 -3.07 4.19
N ARG D 194 18.29 -3.13 5.43
CA ARG D 194 18.43 -4.40 6.11
C ARG D 194 17.59 -4.36 7.40
N LEU D 195 17.04 -5.51 7.78
CA LEU D 195 16.42 -5.65 9.08
C LEU D 195 17.00 -6.89 9.66
N ARG D 196 17.66 -6.73 10.80
CA ARG D 196 18.27 -7.85 11.46
C ARG D 196 17.50 -8.21 12.74
N VAL D 197 17.15 -9.49 12.89
CA VAL D 197 16.42 -10.03 14.05
C VAL D 197 17.18 -11.28 14.58
N SER D 198 16.79 -11.79 15.73
CA SER D 198 17.40 -13.02 16.21
C SER D 198 16.86 -14.12 15.32
N ALA D 199 17.68 -15.18 15.20
CA ALA D 199 17.34 -16.35 14.43
C ALA D 199 16.03 -16.97 14.92
N THR D 200 15.83 -16.93 16.23
CA THR D 200 14.60 -17.44 16.87
C THR D 200 13.36 -16.77 16.35
N PHE D 201 13.43 -15.46 16.26
CA PHE D 201 12.28 -14.69 15.78
C PHE D 201 12.01 -14.95 14.27
N TRP D 202 13.05 -14.98 13.47
CA TRP D 202 12.87 -15.29 12.05
C TRP D 202 12.32 -16.71 11.94
N GLN D 203 12.68 -17.59 12.87
CA GLN D 203 12.25 -19.00 12.72
C GLN D 203 10.79 -19.33 12.96
N ASP D 204 10.06 -18.40 13.59
CA ASP D 204 8.65 -18.61 13.91
C ASP D 204 7.72 -18.26 12.73
N PRO D 205 6.91 -19.23 12.23
CA PRO D 205 6.16 -18.99 10.99
C PRO D 205 4.93 -18.08 11.18
N ARG D 206 4.62 -17.77 12.44
CA ARG D 206 3.63 -16.78 12.78
C ARG D 206 4.14 -15.35 12.55
N ASN D 207 5.45 -15.17 12.37
CA ASN D 207 5.99 -13.80 12.26
C ASN D 207 6.04 -13.24 10.83
N HIS D 208 5.57 -12.00 10.69
CA HIS D 208 5.36 -11.41 9.38
C HIS D 208 6.26 -10.19 9.25
N PHE D 209 7.01 -10.15 8.16
CA PHE D 209 7.92 -9.04 7.86
C PHE D 209 7.52 -8.40 6.51
N ARG D 210 7.39 -7.08 6.49
CA ARG D 210 6.96 -6.42 5.27
C ARG D 210 7.86 -5.21 5.08
N CYS D 211 8.37 -5.06 3.86
CA CYS D 211 9.12 -3.89 3.47
C CYS D 211 8.12 -3.02 2.64
N GLN D 212 7.90 -1.77 3.03
CA GLN D 212 6.95 -0.90 2.31
C GLN D 212 7.71 0.32 1.70
N VAL D 213 7.55 0.53 0.40
CA VAL D 213 8.13 1.70 -0.28
C VAL D 213 7.01 2.57 -0.84
N GLN D 214 6.81 3.71 -0.19
CA GLN D 214 5.93 4.73 -0.69
C GLN D 214 6.68 5.49 -1.79
N PHE D 215 6.13 5.44 -3.00
CA PHE D 215 6.66 6.14 -4.14
C PHE D 215 5.76 7.35 -4.46
N TYR D 216 6.39 8.48 -4.78
CA TYR D 216 5.66 9.65 -5.23
C TYR D 216 5.88 9.88 -6.74
N GLY D 217 4.79 9.87 -7.50
CA GLY D 217 4.90 9.91 -8.95
C GLY D 217 3.90 10.82 -9.62
N LEU D 218 3.21 10.28 -10.60
CA LEU D 218 2.32 11.10 -11.39
C LEU D 218 1.01 11.15 -10.67
N SER D 219 0.13 12.07 -11.04
CA SER D 219 -1.20 11.99 -10.47
C SER D 219 -2.18 11.62 -11.57
N GLU D 220 -3.45 11.48 -11.17
CA GLU D 220 -4.57 11.19 -12.10
C GLU D 220 -4.62 12.11 -13.28
N ASN D 221 -4.33 13.38 -13.04
CA ASN D 221 -4.44 14.39 -14.08
C ASN D 221 -3.33 14.48 -15.12
N ASP D 222 -2.29 13.69 -14.91
CA ASP D 222 -1.19 13.60 -15.85
C ASP D 222 -1.62 12.69 -17.03
N GLU D 223 -1.22 13.06 -18.25
CA GLU D 223 -1.48 12.26 -19.45
C GLU D 223 -0.59 11.00 -19.43
N TRP D 224 -1.11 9.90 -19.99
CA TRP D 224 -0.33 8.68 -20.04
C TRP D 224 -0.65 7.80 -21.21
N THR D 225 0.36 7.50 -21.98
CA THR D 225 0.15 6.95 -23.26
C THR D 225 1.01 5.69 -23.54
N GLN D 226 1.86 5.39 -22.57
CA GLN D 226 2.73 4.22 -22.59
C GLN D 226 1.99 2.87 -22.30
N ASP D 227 2.52 1.78 -22.83
CA ASP D 227 1.97 0.44 -22.55
C ASP D 227 1.97 0.08 -21.08
N ARG D 228 3.07 0.40 -20.38
CA ARG D 228 3.14 0.18 -18.93
C ARG D 228 2.15 1.04 -18.15
N ALA D 229 1.76 0.56 -16.97
CA ALA D 229 0.97 1.28 -16.02
C ALA D 229 1.48 2.72 -15.77
N LYS D 230 0.56 3.69 -15.86
CA LYS D 230 0.88 5.05 -15.41
C LYS D 230 1.53 4.98 -14.00
N PRO D 231 2.74 5.55 -13.84
CA PRO D 231 3.55 5.52 -12.61
C PRO D 231 3.07 6.54 -11.57
N VAL D 232 1.87 6.26 -11.05
CA VAL D 232 1.24 7.14 -10.09
C VAL D 232 1.89 6.99 -8.71
N THR D 233 1.65 7.98 -7.87
CA THR D 233 1.99 7.85 -6.47
C THR D 233 1.33 6.58 -5.91
N GLN D 234 2.09 5.78 -5.17
CA GLN D 234 1.58 4.48 -4.74
C GLN D 234 2.47 3.84 -3.66
N ILE D 235 1.95 2.81 -3.03
CA ILE D 235 2.78 2.06 -2.12
C ILE D 235 3.14 0.71 -2.78
N VAL D 236 4.43 0.39 -2.84
CA VAL D 236 4.87 -0.89 -3.35
C VAL D 236 5.54 -1.63 -2.18
N SER D 237 5.09 -2.86 -1.95
CA SER D 237 5.47 -3.66 -0.79
C SER D 237 6.00 -5.04 -1.17
N ALA D 238 6.82 -5.64 -0.32
CA ALA D 238 7.10 -7.08 -0.49
C ALA D 238 7.12 -7.63 0.90
N GLU D 239 6.93 -8.93 1.04
CA GLU D 239 6.88 -9.49 2.38
C GLU D 239 7.58 -10.81 2.52
N ALA D 240 7.82 -11.20 3.77
CA ALA D 240 8.14 -12.61 4.06
C ALA D 240 7.53 -13.08 5.37
N TRP D 241 7.20 -14.36 5.45
CA TRP D 241 6.85 -15.07 6.70
C TRP D 241 8.07 -15.79 7.27
N GLY D 242 8.18 -15.79 8.60
CA GLY D 242 9.20 -16.56 9.23
C GLY D 242 9.02 -18.01 8.81
N ARG D 243 10.07 -18.82 9.02
CA ARG D 243 10.14 -20.18 8.53
C ARG D 243 11.27 -20.87 9.28
N ALA D 244 11.09 -22.13 9.65
CA ALA D 244 12.23 -22.89 10.19
C ALA D 244 12.97 -23.56 9.03
N ASP D 245 13.17 -22.82 7.94
CA ASP D 245 13.66 -23.32 6.66
C ASP D 245 12.88 -24.51 6.05
C1 EDO E . -14.38 -8.82 17.08
O1 EDO E . -13.18 -9.36 16.52
C2 EDO E . -15.57 -9.38 16.28
O2 EDO E . -15.24 -9.21 14.91
C1 EDO F . -21.80 0.30 7.01
O1 EDO F . -21.38 0.23 8.40
C2 EDO F . -22.87 -0.74 6.72
O2 EDO F . -23.05 -0.71 5.32
C1 EDO G . -10.25 7.30 19.36
O1 EDO G . -10.64 8.67 19.34
C2 EDO G . -10.61 6.82 20.76
O2 EDO G . -12.05 6.71 20.83
C1 GOL H . 3.55 -7.64 -0.44
O1 GOL H . 3.20 -6.96 0.76
C2 GOL H . 2.39 -8.45 -1.02
O2 GOL H . 1.36 -7.61 -1.51
C3 GOL H . 2.90 -9.43 -2.09
O3 GOL H . 3.81 -8.77 -2.93
C1 GOL I . -26.96 -25.91 8.10
O1 GOL I . -26.11 -26.98 7.66
C2 GOL I . -26.11 -24.64 8.30
O2 GOL I . -25.65 -24.18 7.06
C3 GOL I . -26.90 -23.45 8.75
O3 GOL I . -26.10 -22.51 8.12
C1 EDO J . -31.47 -32.14 -12.13
O1 EDO J . -32.41 -31.85 -11.10
C2 EDO J . -30.64 -33.31 -11.63
O2 EDO J . -29.26 -32.93 -11.50
C1 EDO K . -28.37 -31.11 -14.90
O1 EDO K . -29.40 -30.46 -14.16
C2 EDO K . -28.01 -32.43 -14.19
O2 EDO K . -27.57 -32.27 -12.83
C1 EDO L . -30.02 -23.02 -20.29
O1 EDO L . -31.00 -22.70 -19.25
C2 EDO L . -30.19 -22.29 -21.62
O2 EDO L . -28.90 -22.00 -22.24
C1 EDO M . 21.69 17.05 2.41
O1 EDO M . 22.08 17.43 3.74
C2 EDO M . 20.87 15.76 2.45
O2 EDO M . 19.82 15.84 3.44
C1 GOL N . 22.56 16.03 24.61
O1 GOL N . 23.71 16.25 23.82
C2 GOL N . 22.09 14.58 24.44
O2 GOL N . 22.03 14.35 23.04
C3 GOL N . 23.03 13.60 25.14
O3 GOL N . 22.92 12.29 24.59
C1 EDO O . 16.63 -17.63 0.90
O1 EDO O . 17.76 -16.94 1.50
C2 EDO O . 15.97 -18.68 1.81
O2 EDO O . 16.00 -19.97 1.17
C1 GOL P . 3.81 10.57 -21.55
O1 GOL P . 2.57 10.18 -22.09
C2 GOL P . 3.84 12.06 -21.23
O2 GOL P . 3.16 12.35 -20.02
C3 GOL P . 5.29 12.49 -21.09
O3 GOL P . 5.38 13.90 -20.99
C1 GOL Q . 13.38 14.61 1.49
O1 GOL Q . 13.85 15.66 0.65
C2 GOL Q . 12.40 15.21 2.51
O2 GOL Q . 12.82 16.50 2.90
C3 GOL Q . 10.99 15.29 1.95
O3 GOL Q . 10.13 15.72 2.97
C1 EDO R . -3.39 27.35 -3.18
O1 EDO R . -4.79 27.42 -2.79
C2 EDO R . -3.22 26.28 -4.26
O2 EDO R . -2.61 26.80 -5.47
C1 EDO S . 8.38 2.47 -21.22
O1 EDO S . 9.39 1.48 -20.88
C2 EDO S . 9.14 3.71 -21.68
O2 EDO S . 8.52 4.86 -21.12
#